data_9LYP
#
_entry.id   9LYP
#
_cell.length_a   1.00
_cell.length_b   1.00
_cell.length_c   1.00
_cell.angle_alpha   90.00
_cell.angle_beta   90.00
_cell.angle_gamma   90.00
#
_symmetry.space_group_name_H-M   'P 1'
#
loop_
_entity.id
_entity.type
_entity.pdbx_description
1 polymer 'Spike glycoprotein'
2 polymer 'REGN10987 Fab homologue (Light chain)'
3 polymer 'REGN10987 Fab homologue (Heavy chain)'
4 branched 2-acetamido-2-deoxy-beta-D-glucopyranose-(1-4)-2-acetamido-2-deoxy-beta-D-glucopyranose
#
loop_
_entity_poly.entity_id
_entity_poly.type
_entity_poly.pdbx_seq_one_letter_code
_entity_poly.pdbx_strand_id
1 'polypeptide(L)'
;NLCPFGEVFNATRFASVYAWNRKRISNCVADYSVLYNSASFSTFKCYGVSPTKLNDLCFTNVYADSFVIRGDEVRQIAPG
QTGKIADYNYKLPDDFTGCVIAWNSNNLDSKVGGNYNYLYRLFRKSNLKPFERDISTEIYQAGSTPCNGVEGFNCYFPLQ
SYGFQPTYGVGYQPYRVVVLSFELLHAPATVCGP
;
B
2 'polypeptide(L)'
;QSALTQPASVSGSPGQSITISCTGTSSDVGGYNYVSWYQQHPGKAPKLMIYDVSKRPSGVSNRFSGSKSGNTASLTISGL
QSEDEADYYCNSLTSISTWVFGGGTKLTVLGRTVAAPSVFIFPPSDEQLKSGTASVVCLLNNFYPREAKVQWKVDNALQS
GNSQESVTEQDSKDSTYSLSSTLTLSKADYEKHKVYACEVTHQGLSSPVTKSFNRGEC
;
i
3 'polypeptide(L)'
;QVQLVESGGGVVQPGRSLRLSCAASGFTFSNYAMYWVRQAPGKGLEWVAVISYDGSNKYYADSVKGRFTISRDNSKNTLY
LQMNSLRTEDTAVYYCASGSDYGDYLLVYWGQGTLVTVSSASTKGPSVFPLAPSSKSTSGGTAALGCLVKDYFPEPVTVS
WNSGALTSGVHTFPAVLQSSGLYSLSSVVTVPSSSLGTQTYICNVNHKPSNTKVDKKVEPKSC
;
j
#
loop_
_chem_comp.id
_chem_comp.type
_chem_comp.name
_chem_comp.formula
NAG D-saccharide, beta linking 2-acetamido-2-deoxy-beta-D-glucopyranose 'C8 H15 N O6'
#
# COMPACT_ATOMS: atom_id res chain seq x y z
N ASN A 1 29.54 6.16 35.42
CA ASN A 1 28.46 5.29 34.87
C ASN A 1 27.53 6.08 33.96
N LEU A 2 27.19 5.51 32.81
CA LEU A 2 26.26 6.17 31.90
C LEU A 2 24.91 6.37 32.59
N CYS A 3 24.13 7.32 32.06
CA CYS A 3 22.87 7.66 32.71
C CYS A 3 21.68 7.13 31.92
N PRO A 4 20.61 6.67 32.60
CA PRO A 4 19.47 6.07 31.90
C PRO A 4 18.59 7.04 31.12
N PHE A 5 19.11 8.21 30.73
CA PHE A 5 18.29 9.11 29.92
C PHE A 5 17.78 8.42 28.67
N GLY A 6 18.55 7.50 28.10
CA GLY A 6 18.07 6.79 26.91
C GLY A 6 16.74 6.11 27.15
N GLU A 7 16.62 5.39 28.26
CA GLU A 7 15.35 4.74 28.60
C GLU A 7 14.31 5.73 29.09
N VAL A 8 14.75 6.85 29.68
CA VAL A 8 13.81 7.87 30.15
C VAL A 8 13.07 8.50 28.98
N PHE A 9 13.80 8.93 27.97
CA PHE A 9 13.19 9.56 26.80
C PHE A 9 12.51 8.53 25.90
N ASN A 10 13.14 7.39 25.68
CA ASN A 10 12.61 6.35 24.80
C ASN A 10 11.92 5.23 25.57
N ALA A 11 11.11 5.58 26.58
CA ALA A 11 10.42 4.57 27.39
C ALA A 11 9.28 3.89 26.65
N THR A 12 9.07 4.21 25.37
CA THR A 12 7.99 3.65 24.54
C THR A 12 6.57 4.03 24.94
N ARG A 13 6.32 4.31 26.22
CA ARG A 13 4.96 4.72 26.62
C ARG A 13 5.03 5.50 27.92
N PHE A 14 4.74 6.79 27.85
CA PHE A 14 4.76 7.60 29.06
C PHE A 14 3.45 7.44 29.84
N ALA A 15 3.52 7.72 31.13
CA ALA A 15 2.36 7.69 32.00
C ALA A 15 1.39 8.80 31.67
N SER A 16 0.12 8.60 32.03
CA SER A 16 -0.87 9.62 31.77
C SER A 16 -0.49 10.91 32.50
N VAL A 17 -1.17 11.99 32.14
CA VAL A 17 -0.84 13.29 32.73
C VAL A 17 -1.17 13.32 34.22
N TYR A 18 -2.39 12.89 34.58
CA TYR A 18 -2.79 12.95 35.98
C TYR A 18 -1.91 12.08 36.85
N ALA A 19 -1.61 10.86 36.41
CA ALA A 19 -0.72 9.98 37.14
C ALA A 19 0.64 10.07 36.46
N TRP A 20 1.43 11.03 36.88
CA TRP A 20 2.76 11.26 36.29
C TRP A 20 3.76 10.46 37.09
N ASN A 21 4.47 9.56 36.41
CA ASN A 21 5.48 8.74 37.07
C ASN A 21 6.74 9.55 37.35
N ARG A 22 7.54 9.03 38.28
CA ARG A 22 8.81 9.64 38.65
C ARG A 22 9.86 8.55 38.74
N LYS A 23 11.11 8.96 38.57
CA LYS A 23 12.24 8.07 38.65
C LYS A 23 13.44 8.84 39.19
N ARG A 24 14.11 8.26 40.18
CA ARG A 24 15.26 8.90 40.81
C ARG A 24 16.52 8.54 40.02
N ILE A 25 17.33 9.56 39.73
CA ILE A 25 18.58 9.40 38.99
C ILE A 25 19.74 9.66 39.95
N SER A 26 20.68 8.73 40.01
CA SER A 26 21.78 8.85 40.96
C SER A 26 23.05 8.25 40.39
N ASN A 27 24.20 8.75 40.86
CA ASN A 27 25.53 8.31 40.47
C ASN A 27 25.80 8.44 38.98
N CYS A 28 24.93 9.13 38.23
CA CYS A 28 25.12 9.28 36.81
C CYS A 28 26.23 10.27 36.46
N VAL A 29 26.69 10.15 35.22
CA VAL A 29 27.44 11.19 34.52
C VAL A 29 26.45 11.66 33.46
N ALA A 30 26.04 12.91 33.53
CA ALA A 30 24.98 13.41 32.65
C ALA A 30 25.52 14.23 31.49
N ASP A 31 25.46 13.64 30.29
CA ASP A 31 25.94 14.24 29.05
C ASP A 31 24.90 15.20 28.48
N TYR A 32 24.51 16.18 29.31
CA TYR A 32 23.46 17.11 28.89
C TYR A 32 23.73 17.76 27.54
N SER A 33 24.97 18.17 27.25
CA SER A 33 25.22 18.86 25.99
C SER A 33 24.88 18.01 24.77
N VAL A 34 25.18 16.71 24.80
CA VAL A 34 24.87 15.90 23.62
C VAL A 34 23.37 15.67 23.48
N LEU A 35 22.65 15.62 24.60
CA LEU A 35 21.19 15.53 24.58
C LEU A 35 20.55 16.82 24.07
N TYR A 36 20.96 17.96 24.63
CA TYR A 36 20.38 19.25 24.31
C TYR A 36 20.54 19.61 22.84
N ASN A 37 21.71 19.40 22.27
CA ASN A 37 21.90 19.78 20.88
C ASN A 37 21.16 18.88 19.90
N SER A 38 20.46 17.84 20.36
CA SER A 38 19.70 17.02 19.43
C SER A 38 18.55 17.82 18.83
N ALA A 39 18.19 17.47 17.60
CA ALA A 39 17.17 18.20 16.85
C ALA A 39 15.74 17.79 17.18
N SER A 40 15.52 16.63 17.80
CA SER A 40 14.16 16.15 18.04
C SER A 40 13.40 16.99 19.07
N PHE A 41 14.09 17.59 20.04
CA PHE A 41 13.38 18.36 21.04
C PHE A 41 12.84 19.66 20.46
N SER A 42 11.50 19.79 20.47
CA SER A 42 10.85 20.98 19.95
C SER A 42 11.05 22.18 20.87
N THR A 43 11.26 21.94 22.15
CA THR A 43 11.53 23.00 23.10
C THR A 43 12.41 22.46 24.21
N PHE A 44 13.26 23.33 24.75
CA PHE A 44 14.22 22.96 25.79
C PHE A 44 14.31 24.07 26.83
N LYS A 45 13.20 24.73 27.11
CA LYS A 45 13.22 25.82 28.07
C LYS A 45 13.80 25.37 29.40
N CYS A 46 14.60 26.24 30.01
CA CYS A 46 15.21 26.00 31.31
C CYS A 46 15.04 27.24 32.16
N TYR A 47 14.99 27.06 33.47
CA TYR A 47 14.79 28.16 34.40
C TYR A 47 15.81 28.06 35.51
N GLY A 48 16.40 29.20 35.85
CA GLY A 48 17.45 29.25 36.85
C GLY A 48 18.75 28.60 36.43
N VAL A 49 18.79 28.00 35.24
CA VAL A 49 19.97 27.33 34.71
C VAL A 49 19.94 27.46 33.19
N SER A 50 21.12 27.37 32.57
CA SER A 50 21.19 27.43 31.11
C SER A 50 21.66 26.09 30.54
N PRO A 51 21.17 25.72 29.36
CA PRO A 51 21.45 24.38 28.85
C PRO A 51 22.90 24.11 28.50
N THR A 52 23.63 25.10 27.96
CA THR A 52 25.03 24.88 27.63
C THR A 52 25.89 24.69 28.87
N LYS A 53 25.55 25.40 29.95
CA LYS A 53 26.25 25.28 31.22
C LYS A 53 26.05 23.92 31.89
N LEU A 54 24.95 23.23 31.58
CA LEU A 54 24.56 22.03 32.32
C LEU A 54 25.71 21.05 32.54
N ASN A 55 26.61 20.88 31.56
CA ASN A 55 27.74 20.01 31.82
C ASN A 55 28.69 20.60 32.85
N ASP A 56 28.85 21.92 32.89
CA ASP A 56 29.68 22.53 33.92
C ASP A 56 29.03 22.52 35.29
N LEU A 57 27.85 21.93 35.45
CA LEU A 57 27.16 21.88 36.73
C LEU A 57 27.27 20.47 37.32
N CYS A 58 26.80 20.33 38.57
CA CYS A 58 26.85 19.04 39.22
C CYS A 58 25.97 19.00 40.47
N PHE A 59 24.74 18.52 40.31
CA PHE A 59 23.76 18.45 41.38
C PHE A 59 23.85 17.12 42.15
N THR A 60 23.32 17.14 43.38
CA THR A 60 23.29 15.94 44.21
C THR A 60 22.55 14.81 43.52
N ASN A 61 21.22 14.91 43.46
CA ASN A 61 20.38 13.96 42.75
C ASN A 61 19.32 14.74 41.98
N VAL A 62 18.81 14.14 40.91
CA VAL A 62 17.81 14.77 40.06
C VAL A 62 16.67 13.80 39.80
N TYR A 63 15.46 14.33 39.72
CA TYR A 63 14.27 13.54 39.39
C TYR A 63 13.79 13.95 38.00
N ALA A 64 13.23 13.00 37.28
CA ALA A 64 12.61 13.27 35.99
C ALA A 64 11.17 12.79 36.00
N ASP A 65 10.25 13.69 35.69
CA ASP A 65 8.83 13.39 35.59
C ASP A 65 8.49 13.29 34.12
N SER A 66 7.52 12.44 33.79
CA SER A 66 7.16 12.29 32.39
C SER A 66 5.65 12.14 32.23
N PHE A 67 5.14 12.79 31.19
CA PHE A 67 3.72 12.78 30.87
C PHE A 67 3.57 13.19 29.42
N VAL A 68 2.43 12.84 28.84
CA VAL A 68 2.07 13.20 27.48
C VAL A 68 0.94 14.22 27.52
N ILE A 69 1.09 15.33 26.81
CA ILE A 69 0.18 16.46 26.89
C ILE A 69 0.11 17.13 25.53
N ARG A 70 -0.94 17.92 25.34
CA ARG A 70 -1.21 18.56 24.06
C ARG A 70 -0.43 19.86 23.92
N GLY A 71 -0.15 20.23 22.67
CA GLY A 71 0.74 21.34 22.40
C GLY A 71 0.40 22.62 23.13
N ASP A 72 -0.88 23.01 23.11
CA ASP A 72 -1.29 24.21 23.83
C ASP A 72 -1.05 24.11 25.32
N GLU A 73 -1.17 22.91 25.88
CA GLU A 73 -0.93 22.68 27.29
C GLU A 73 0.56 22.66 27.64
N VAL A 74 1.43 22.32 26.71
CA VAL A 74 2.88 22.37 26.99
C VAL A 74 3.26 23.76 27.48
N ARG A 75 2.66 24.79 26.90
CA ARG A 75 2.91 26.15 27.37
C ARG A 75 2.57 26.32 28.85
N GLN A 76 1.57 25.59 29.33
CA GLN A 76 1.21 25.67 30.75
C GLN A 76 2.26 25.05 31.66
N ILE A 77 3.03 24.08 31.17
CA ILE A 77 4.03 23.45 32.01
C ILE A 77 5.26 24.35 32.12
N ALA A 78 5.15 25.41 32.91
CA ALA A 78 6.23 26.35 33.14
C ALA A 78 6.01 26.98 34.52
N PRO A 79 7.07 27.40 35.20
CA PRO A 79 6.89 27.96 36.54
C PRO A 79 6.11 29.26 36.49
N GLY A 80 5.10 29.36 37.35
CA GLY A 80 4.23 30.53 37.39
C GLY A 80 3.04 30.49 36.47
N GLN A 81 2.89 29.44 35.66
CA GLN A 81 1.73 29.32 34.79
C GLN A 81 0.53 28.83 35.56
N THR A 82 -0.64 29.01 34.94
CA THR A 82 -1.91 28.57 35.49
C THR A 82 -2.75 28.02 34.35
N GLY A 83 -3.71 27.18 34.71
CA GLY A 83 -4.51 26.49 33.71
C GLY A 83 -4.93 25.13 34.21
N LYS A 84 -5.84 24.52 33.45
CA LYS A 84 -6.45 23.26 33.86
C LYS A 84 -5.42 22.19 34.20
N ILE A 85 -4.39 22.03 33.37
CA ILE A 85 -3.37 21.02 33.65
C ILE A 85 -2.40 21.47 34.72
N ALA A 86 -1.99 22.73 34.69
CA ALA A 86 -1.05 23.21 35.70
C ALA A 86 -1.71 23.24 37.06
N ASP A 87 -2.98 23.61 37.10
CA ASP A 87 -3.69 23.68 38.37
C ASP A 87 -4.06 22.30 38.91
N TYR A 88 -4.76 21.49 38.11
CA TYR A 88 -5.23 20.18 38.57
C TYR A 88 -4.28 19.00 38.37
N ASN A 89 -3.65 18.87 37.19
CA ASN A 89 -2.84 17.68 36.94
C ASN A 89 -1.43 17.75 37.50
N TYR A 90 -0.67 18.80 37.20
CA TYR A 90 0.74 18.81 37.59
C TYR A 90 1.18 20.24 37.83
N LYS A 91 1.09 20.66 39.09
CA LYS A 91 1.45 22.03 39.48
C LYS A 91 2.97 22.14 39.55
N LEU A 92 3.56 22.81 38.58
CA LEU A 92 4.98 23.10 38.66
C LEU A 92 5.18 24.17 39.74
N PRO A 93 6.27 24.09 40.51
CA PRO A 93 6.44 25.06 41.59
C PRO A 93 6.63 26.48 41.08
N ASP A 94 6.24 27.43 41.92
CA ASP A 94 6.46 28.86 41.67
C ASP A 94 7.86 29.28 42.04
N ASP A 95 8.83 28.45 41.65
CA ASP A 95 10.23 28.60 42.02
C ASP A 95 11.04 27.94 40.91
N PHE A 96 12.32 27.71 41.16
CA PHE A 96 13.13 26.96 40.21
C PHE A 96 12.47 25.62 39.91
N THR A 97 12.63 25.16 38.67
CA THR A 97 12.02 23.89 38.27
C THR A 97 12.83 23.15 37.20
N GLY A 98 14.07 23.54 36.93
CA GLY A 98 14.89 22.89 35.93
C GLY A 98 14.28 22.93 34.53
N CYS A 99 14.95 22.22 33.63
CA CYS A 99 14.55 22.23 32.23
C CYS A 99 13.29 21.42 31.97
N VAL A 100 12.45 21.94 31.08
CA VAL A 100 11.26 21.27 30.59
C VAL A 100 11.52 20.89 29.14
N ILE A 101 11.46 19.61 28.82
CA ILE A 101 11.76 19.11 27.48
C ILE A 101 10.49 18.53 26.89
N ALA A 102 10.18 18.92 25.65
CA ALA A 102 9.02 18.38 24.97
C ALA A 102 9.29 18.17 23.49
N TRP A 103 8.70 17.11 22.94
CA TRP A 103 8.79 16.79 21.53
C TRP A 103 7.44 16.27 21.06
N ASN A 104 7.17 16.40 19.76
CA ASN A 104 5.87 16.05 19.21
C ASN A 104 5.86 14.60 18.78
N SER A 105 5.38 13.73 19.66
CA SER A 105 5.31 12.29 19.44
C SER A 105 4.00 11.85 18.80
N ASN A 106 3.39 12.71 17.97
CA ASN A 106 2.10 12.38 17.37
C ASN A 106 2.10 11.02 16.69
N ASN A 107 3.24 10.59 16.13
CA ASN A 107 3.28 9.30 15.46
C ASN A 107 2.97 8.15 16.41
N LEU A 108 3.64 8.13 17.56
CA LEU A 108 3.43 7.06 18.54
C LEU A 108 2.15 7.22 19.36
N ASP A 109 1.93 8.40 19.93
CA ASP A 109 0.82 8.60 20.85
C ASP A 109 -0.55 8.75 20.16
N SER A 110 -0.63 9.37 19.00
CA SER A 110 -1.94 9.47 18.36
C SER A 110 -2.29 8.17 17.65
N LYS A 111 -3.59 7.88 17.60
CA LYS A 111 -4.09 6.68 16.95
C LYS A 111 -5.43 6.96 16.30
N VAL A 112 -5.74 6.18 15.26
CA VAL A 112 -6.99 6.34 14.55
C VAL A 112 -8.16 6.12 15.51
N GLY A 113 -9.12 7.04 15.49
CA GLY A 113 -10.24 7.02 16.41
C GLY A 113 -9.96 7.61 17.77
N GLY A 114 -8.75 8.09 18.02
CA GLY A 114 -8.40 8.75 19.26
C GLY A 114 -7.90 7.82 20.35
N ASN A 115 -6.71 8.12 20.85
CA ASN A 115 -6.12 7.35 21.94
C ASN A 115 -6.80 7.70 23.25
N TYR A 116 -7.39 6.70 23.91
CA TYR A 116 -8.07 6.88 25.19
C TYR A 116 -7.22 6.46 26.37
N ASN A 117 -5.96 6.09 26.14
CA ASN A 117 -5.06 5.71 27.23
C ASN A 117 -4.53 6.91 28.02
N TYR A 118 -4.71 8.13 27.52
CA TYR A 118 -4.22 9.32 28.18
C TYR A 118 -5.38 10.18 28.67
N LEU A 119 -5.36 10.54 29.95
CA LEU A 119 -6.44 11.23 30.62
C LEU A 119 -5.92 12.44 31.40
N TYR A 120 -6.80 13.40 31.60
CA TYR A 120 -6.49 14.64 32.31
C TYR A 120 -7.59 14.95 33.32
N ARG A 121 -7.25 15.71 34.38
CA ARG A 121 -8.20 16.01 35.43
C ARG A 121 -9.05 17.18 35.00
N LEU A 122 -10.34 16.94 34.82
CA LEU A 122 -11.22 18.01 34.36
C LEU A 122 -11.39 19.09 35.42
N PHE A 123 -11.52 18.71 36.68
CA PHE A 123 -11.60 19.67 37.79
C PHE A 123 -11.29 19.01 39.12
N ARG A 124 -11.00 19.84 40.12
CA ARG A 124 -10.64 19.39 41.46
C ARG A 124 -11.13 20.41 42.50
N LYS A 125 -11.23 19.95 43.75
CA LYS A 125 -11.67 20.82 44.85
C LYS A 125 -10.83 22.08 44.94
N SER A 126 -9.52 21.92 44.85
CA SER A 126 -8.59 23.03 44.95
C SER A 126 -7.38 22.66 44.11
N ASN A 127 -6.65 23.67 43.66
CA ASN A 127 -5.52 23.42 42.80
C ASN A 127 -4.45 22.65 43.56
N LEU A 128 -3.65 21.89 42.83
CA LEU A 128 -2.59 21.08 43.44
C LEU A 128 -1.44 21.92 43.96
N LYS A 129 -0.80 21.40 45.00
CA LYS A 129 0.44 21.96 45.51
C LYS A 129 1.58 21.52 44.59
N PRO A 130 2.68 22.26 44.55
CA PRO A 130 3.80 21.87 43.69
C PRO A 130 4.17 20.40 43.84
N PHE A 131 4.39 19.75 42.69
CA PHE A 131 4.72 18.32 42.63
C PHE A 131 3.72 17.44 43.36
N GLU A 132 2.50 17.91 43.58
CA GLU A 132 1.49 17.06 44.20
C GLU A 132 0.99 16.08 43.15
N ARG A 133 0.70 14.86 43.57
CA ARG A 133 0.15 13.83 42.70
C ARG A 133 -0.96 13.12 43.44
N ASP A 134 -2.04 12.84 42.73
CA ASP A 134 -3.16 12.08 43.29
C ASP A 134 -3.77 11.16 42.25
N ILE A 135 -4.26 10.02 42.73
CA ILE A 135 -4.90 9.00 41.90
C ILE A 135 -6.37 8.88 42.24
N SER A 136 -6.85 9.64 43.23
CA SER A 136 -8.22 9.62 43.68
C SER A 136 -9.19 9.92 42.55
N THR A 137 -9.91 8.90 42.09
CA THR A 137 -10.84 9.04 40.97
C THR A 137 -12.21 8.72 41.53
N GLU A 138 -12.89 9.76 42.03
CA GLU A 138 -14.24 9.66 42.55
C GLU A 138 -15.08 10.78 41.96
N ILE A 139 -16.29 10.42 41.58
CA ILE A 139 -17.23 11.36 40.97
C ILE A 139 -17.45 12.54 41.90
N TYR A 140 -17.42 13.74 41.34
CA TYR A 140 -17.60 14.97 42.13
C TYR A 140 -19.07 15.36 42.11
N GLN A 141 -19.82 14.82 43.05
CA GLN A 141 -21.21 15.17 43.24
C GLN A 141 -21.44 15.86 44.57
N ALA A 142 -20.70 15.46 45.60
CA ALA A 142 -20.81 15.97 46.97
C ALA A 142 -22.19 15.71 47.57
N GLY A 143 -23.04 14.99 46.87
CA GLY A 143 -24.39 14.77 47.34
C GLY A 143 -25.04 16.11 47.61
N SER A 144 -25.69 16.21 48.77
CA SER A 144 -26.30 17.47 49.18
C SER A 144 -27.48 17.81 48.28
N THR A 145 -28.08 18.97 48.49
CA THR A 145 -29.16 19.48 47.65
C THR A 145 -28.71 19.89 46.26
N PRO A 146 -27.52 20.49 46.09
CA PRO A 146 -27.11 20.92 44.75
C PRO A 146 -27.01 19.80 43.72
N CYS A 147 -26.48 18.64 44.08
CA CYS A 147 -26.29 17.56 43.12
C CYS A 147 -26.76 16.23 43.70
N ASN A 148 -26.80 15.24 42.81
CA ASN A 148 -27.17 13.87 43.16
C ASN A 148 -26.30 13.34 44.29
N GLY A 149 -26.93 12.58 45.20
CA GLY A 149 -26.22 11.98 46.31
C GLY A 149 -24.94 11.31 45.87
N VAL A 150 -23.99 11.18 46.81
CA VAL A 150 -22.69 10.59 46.53
C VAL A 150 -22.84 9.22 45.88
N GLU A 151 -21.80 8.82 45.12
CA GLU A 151 -21.80 7.61 44.31
C GLU A 151 -22.56 7.78 42.99
N GLY A 152 -23.37 8.83 42.87
CA GLY A 152 -24.10 9.08 41.65
C GLY A 152 -23.24 9.65 40.53
N PHE A 153 -23.74 9.52 39.30
CA PHE A 153 -23.04 9.97 38.11
C PHE A 153 -23.63 11.24 37.51
N ASN A 154 -24.57 11.89 38.20
CA ASN A 154 -25.17 13.11 37.66
C ASN A 154 -24.14 14.20 37.40
N CYS A 155 -23.24 14.42 38.36
CA CYS A 155 -22.23 15.48 38.25
C CYS A 155 -20.97 15.02 37.50
N TYR A 156 -21.19 14.59 36.25
CA TYR A 156 -20.14 14.19 35.34
C TYR A 156 -19.18 13.13 35.88
N PHE A 157 -17.89 13.26 35.55
CA PHE A 157 -16.85 12.36 36.02
C PHE A 157 -15.54 13.14 36.09
N PRO A 158 -14.66 12.83 37.05
CA PRO A 158 -13.44 13.63 37.21
C PRO A 158 -12.46 13.58 36.04
N LEU A 159 -12.30 12.44 35.38
CA LEU A 159 -11.33 12.31 34.29
C LEU A 159 -11.98 12.31 32.90
N GLN A 160 -11.18 12.72 31.92
CA GLN A 160 -11.53 12.67 30.50
C GLN A 160 -10.30 12.28 29.70
N SER A 161 -10.54 11.65 28.55
CA SER A 161 -9.48 11.18 27.66
C SER A 161 -9.30 12.10 26.47
N TYR A 162 -8.04 12.31 26.05
CA TYR A 162 -7.77 13.24 24.96
C TYR A 162 -8.25 12.73 23.61
N GLY A 163 -8.16 11.44 23.35
CA GLY A 163 -8.60 10.95 22.05
C GLY A 163 -7.77 11.46 20.89
N PHE A 164 -6.45 11.51 21.05
CA PHE A 164 -5.57 12.05 20.01
C PHE A 164 -5.77 11.38 18.66
N GLN A 165 -6.16 12.17 17.67
CA GLN A 165 -6.35 11.70 16.30
C GLN A 165 -5.36 12.40 15.38
N PRO A 166 -4.96 11.78 14.26
CA PRO A 166 -4.09 12.51 13.32
C PRO A 166 -4.74 13.78 12.83
N THR A 167 -6.07 13.73 12.62
CA THR A 167 -6.85 14.88 12.19
C THR A 167 -6.73 16.07 13.13
N TYR A 168 -6.51 15.80 14.42
CA TYR A 168 -6.38 16.86 15.42
C TYR A 168 -5.41 17.95 14.99
N GLY A 169 -4.43 17.62 14.15
CA GLY A 169 -3.57 18.60 13.54
C GLY A 169 -2.51 19.12 14.50
N VAL A 170 -1.60 19.93 13.95
CA VAL A 170 -0.50 20.56 14.68
C VAL A 170 -0.90 21.25 15.97
N GLY A 171 -2.14 21.71 16.09
CA GLY A 171 -2.48 22.42 17.31
C GLY A 171 -2.77 21.49 18.47
N TYR A 172 -3.51 20.42 18.18
CA TYR A 172 -3.94 19.45 19.16
C TYR A 172 -3.06 18.21 19.23
N GLN A 173 -1.88 18.23 18.60
CA GLN A 173 -1.02 17.07 18.62
C GLN A 173 -0.62 16.73 20.06
N PRO A 174 -0.28 15.47 20.32
CA PRO A 174 0.18 15.11 21.65
C PRO A 174 1.69 15.19 21.74
N TYR A 175 2.19 15.97 22.70
CA TYR A 175 3.61 16.07 22.95
C TYR A 175 3.97 15.20 24.15
N ARG A 176 5.20 14.71 24.14
CA ARG A 176 5.72 13.96 25.28
C ARG A 176 6.61 14.94 26.03
N VAL A 177 6.40 15.04 27.34
CA VAL A 177 7.17 15.96 28.16
C VAL A 177 7.95 15.21 29.22
N VAL A 178 9.17 15.67 29.48
CA VAL A 178 9.93 15.26 30.64
C VAL A 178 10.47 16.53 31.28
N VAL A 179 10.56 16.54 32.61
CA VAL A 179 11.02 17.70 33.35
C VAL A 179 11.92 17.24 34.48
N LEU A 180 13.06 17.93 34.64
CA LEU A 180 14.06 17.57 35.62
C LEU A 180 14.16 18.66 36.68
N SER A 181 14.32 18.24 37.94
CA SER A 181 14.50 19.18 39.05
C SER A 181 15.88 18.99 39.68
N PHE A 182 16.55 20.11 39.95
CA PHE A 182 17.86 20.14 40.57
C PHE A 182 17.84 20.82 41.93
N GLU A 183 18.34 20.14 42.96
CA GLU A 183 18.42 20.69 44.31
C GLU A 183 19.86 20.67 44.81
N LEU A 184 20.20 21.64 45.66
CA LEU A 184 21.57 21.87 46.10
C LEU A 184 21.66 22.13 47.59
N LEU A 185 22.92 22.13 48.06
CA LEU A 185 23.31 22.44 49.44
C LEU A 185 22.86 21.44 50.50
N HIS A 186 21.78 20.71 50.26
CA HIS A 186 21.29 19.78 51.29
C HIS A 186 22.11 18.50 51.39
N ALA A 187 23.01 18.22 50.45
CA ALA A 187 23.82 17.01 50.51
C ALA A 187 25.02 17.20 49.58
N PRO A 188 26.04 16.35 49.72
CA PRO A 188 27.16 16.41 48.77
C PRO A 188 26.73 15.95 47.39
N ALA A 189 27.44 16.43 46.38
CA ALA A 189 27.12 16.05 45.01
C ALA A 189 27.39 14.57 44.78
N THR A 190 26.58 13.98 43.89
CA THR A 190 26.73 12.58 43.51
C THR A 190 26.71 12.35 42.01
N VAL A 191 26.25 13.30 41.20
CA VAL A 191 26.27 13.20 39.75
C VAL A 191 26.83 14.50 39.18
N CYS A 192 27.66 14.39 38.15
CA CYS A 192 28.31 15.52 37.52
C CYS A 192 28.38 15.25 36.03
N GLY A 193 28.77 16.26 35.26
CA GLY A 193 28.93 16.12 33.83
C GLY A 193 30.24 15.44 33.48
N PRO A 194 30.43 15.20 32.18
CA PRO A 194 31.64 14.56 31.65
C PRO A 194 32.84 15.50 31.63
N GLN B 1 -14.58 9.23 -4.91
CA GLN B 1 -13.32 9.39 -4.14
C GLN B 1 -12.37 10.32 -4.89
N SER B 2 -11.73 11.23 -4.16
CA SER B 2 -10.78 12.18 -4.73
C SER B 2 -9.42 11.53 -5.00
N ALA B 3 -9.44 10.46 -5.78
CA ALA B 3 -8.22 9.73 -6.10
C ALA B 3 -7.18 10.69 -6.65
N LEU B 4 -5.97 10.61 -6.11
CA LEU B 4 -4.91 11.54 -6.50
C LEU B 4 -4.42 11.26 -7.92
N THR B 5 -4.09 12.34 -8.63
CA THR B 5 -3.58 12.23 -9.99
C THR B 5 -2.09 11.93 -9.98
N GLN B 6 -1.65 11.07 -10.89
CA GLN B 6 -0.26 10.72 -11.06
C GLN B 6 0.04 10.51 -12.53
N PRO B 7 1.30 10.67 -12.94
CA PRO B 7 1.66 10.34 -14.32
C PRO B 7 1.57 8.84 -14.55
N ALA B 8 1.02 8.46 -15.70
CA ALA B 8 0.83 7.03 -15.98
C ALA B 8 2.16 6.28 -16.03
N SER B 9 3.21 6.91 -16.57
CA SER B 9 4.51 6.26 -16.59
C SER B 9 5.62 7.30 -16.66
N VAL B 10 6.80 6.89 -16.17
CA VAL B 10 8.01 7.71 -16.22
C VAL B 10 9.16 6.77 -16.55
N SER B 11 10.20 7.30 -17.18
CA SER B 11 11.36 6.49 -17.56
C SER B 11 12.65 7.27 -17.44
N GLY B 12 13.73 6.53 -17.17
CA GLY B 12 15.04 7.13 -17.04
C GLY B 12 16.12 6.10 -17.31
N SER B 13 17.29 6.59 -17.73
CA SER B 13 18.44 5.72 -17.95
C SER B 13 19.08 5.33 -16.61
N PRO B 14 19.67 4.15 -16.52
CA PRO B 14 20.34 3.76 -15.29
C PRO B 14 21.29 4.83 -14.78
N GLY B 15 21.29 5.04 -13.46
CA GLY B 15 22.11 6.05 -12.83
C GLY B 15 21.59 7.47 -12.91
N GLN B 16 20.54 7.72 -13.68
CA GLN B 16 19.98 9.06 -13.77
C GLN B 16 19.12 9.38 -12.56
N SER B 17 18.58 10.60 -12.56
CA SER B 17 17.63 11.08 -11.56
C SER B 17 16.27 11.26 -12.22
N ILE B 18 15.22 10.83 -11.53
CA ILE B 18 13.86 10.89 -12.04
C ILE B 18 12.94 11.26 -10.89
N THR B 19 11.84 11.94 -11.22
CA THR B 19 10.89 12.39 -10.21
C THR B 19 9.46 12.06 -10.61
N ILE B 20 8.70 11.50 -9.66
CA ILE B 20 7.30 11.17 -9.83
C ILE B 20 6.50 12.19 -9.02
N SER B 21 5.38 12.66 -9.57
CA SER B 21 4.55 13.65 -8.91
C SER B 21 3.18 13.11 -8.55
N CYS B 22 2.62 13.66 -7.47
CA CYS B 22 1.31 13.30 -6.93
C CYS B 22 0.60 14.61 -6.62
N THR B 23 -0.69 14.69 -6.97
CA THR B 23 -1.44 15.93 -6.80
C THR B 23 -2.83 15.65 -6.25
N GLY B 24 -3.30 16.52 -5.35
CA GLY B 24 -4.59 16.34 -4.73
C GLY B 24 -5.17 17.65 -4.24
N THR B 25 -6.32 17.53 -3.58
CA THR B 25 -7.05 18.69 -3.07
C THR B 25 -6.31 19.35 -1.92
N SER B 26 -6.66 20.62 -1.68
CA SER B 26 -6.10 21.41 -0.59
C SER B 26 -6.39 20.80 0.78
N SER B 27 -7.26 19.80 0.84
CA SER B 27 -7.57 19.08 2.07
C SER B 27 -7.23 17.60 1.94
N ASP B 28 -6.57 17.21 0.85
CA ASP B 28 -6.16 15.84 0.61
C ASP B 28 -4.65 15.67 0.61
N VAL B 29 -3.92 16.74 0.27
CA VAL B 29 -2.46 16.75 0.33
C VAL B 29 -2.02 18.11 0.83
N GLY B 30 -2.81 19.14 0.56
CA GLY B 30 -2.61 20.42 1.21
C GLY B 30 -2.90 20.31 2.70
N GLY B 31 -2.32 21.21 3.47
CA GLY B 31 -2.51 21.10 4.91
C GLY B 31 -1.64 20.01 5.48
N TYR B 32 -2.24 18.84 5.72
CA TYR B 32 -1.50 17.73 6.31
C TYR B 32 -0.25 17.40 5.48
N ASN B 33 0.73 16.81 6.17
CA ASN B 33 2.00 16.39 5.59
C ASN B 33 2.19 14.88 5.64
N TYR B 34 1.12 14.12 5.84
CA TYR B 34 1.19 12.67 6.01
C TYR B 34 1.37 11.91 4.69
N VAL B 35 1.63 12.60 3.58
CA VAL B 35 1.80 11.93 2.30
C VAL B 35 2.85 10.83 2.43
N SER B 36 2.52 9.66 1.89
CA SER B 36 3.39 8.48 1.94
C SER B 36 3.45 7.86 0.56
N TRP B 37 4.55 7.16 0.27
CA TRP B 37 4.77 6.55 -1.03
C TRP B 37 4.97 5.05 -0.87
N TYR B 38 4.34 4.29 -1.75
CA TYR B 38 4.40 2.84 -1.74
C TYR B 38 5.00 2.30 -3.03
N GLN B 39 5.66 1.15 -2.91
CA GLN B 39 6.30 0.48 -4.03
C GLN B 39 5.76 -0.93 -4.09
N GLN B 40 5.43 -1.41 -5.30
CA GLN B 40 4.89 -2.76 -5.45
C GLN B 40 5.46 -3.44 -6.70
N HIS B 41 6.43 -4.32 -6.50
CA HIS B 41 6.88 -5.14 -7.61
C HIS B 41 5.73 -6.08 -8.00
N PRO B 42 5.69 -6.54 -9.24
CA PRO B 42 4.59 -7.43 -9.65
C PRO B 42 4.59 -8.72 -8.85
N GLY B 43 3.38 -9.23 -8.59
CA GLY B 43 3.23 -10.49 -7.90
C GLY B 43 3.50 -10.50 -6.42
N LYS B 44 3.60 -9.35 -5.75
CA LYS B 44 3.90 -9.35 -4.32
C LYS B 44 3.26 -8.14 -3.65
N ALA B 45 3.23 -8.20 -2.32
CA ALA B 45 2.62 -7.15 -1.52
C ALA B 45 3.39 -5.84 -1.62
N PRO B 46 2.70 -4.69 -1.64
CA PRO B 46 3.39 -3.40 -1.69
C PRO B 46 4.30 -3.16 -0.50
N LYS B 47 5.37 -2.42 -0.76
CA LYS B 47 6.29 -1.87 0.20
C LYS B 47 6.02 -0.37 0.31
N LEU B 48 6.55 0.25 1.36
CA LEU B 48 6.45 1.69 1.48
C LEU B 48 7.85 2.27 1.33
N MET B 49 7.91 3.53 0.92
CA MET B 49 9.21 4.13 0.72
C MET B 49 9.39 5.46 1.44
N ILE B 50 8.35 6.28 1.49
CA ILE B 50 8.38 7.59 2.12
C ILE B 50 7.14 7.75 3.00
N TYR B 51 7.24 8.63 3.99
CA TYR B 51 6.05 8.96 4.76
C TYR B 51 6.07 10.43 5.16
N ASP B 52 5.59 10.78 6.35
CA ASP B 52 5.46 12.18 6.72
C ASP B 52 6.79 12.92 6.71
N VAL B 53 6.78 14.09 6.07
CA VAL B 53 7.93 14.99 5.95
C VAL B 53 9.10 14.32 5.23
N SER B 54 8.79 13.48 4.25
CA SER B 54 9.79 12.77 3.45
C SER B 54 10.66 11.81 4.26
N LYS B 55 10.28 11.51 5.50
CA LYS B 55 11.09 10.57 6.28
C LYS B 55 11.16 9.23 5.55
N ARG B 56 12.16 8.44 5.93
CA ARG B 56 12.39 7.16 5.28
C ARG B 56 12.49 6.05 6.32
N PRO B 57 11.88 4.89 6.08
CA PRO B 57 11.96 3.81 7.05
C PRO B 57 13.34 3.17 7.08
N SER B 58 13.66 2.57 8.22
CA SER B 58 14.92 1.85 8.34
C SER B 58 14.94 0.68 7.38
N GLY B 59 16.13 0.34 6.90
CA GLY B 59 16.29 -0.76 5.98
C GLY B 59 15.96 -0.43 4.54
N VAL B 60 15.88 0.85 4.18
CA VAL B 60 15.63 1.28 2.82
C VAL B 60 16.72 2.26 2.41
N SER B 61 17.23 2.08 1.19
CA SER B 61 18.32 2.91 0.71
C SER B 61 17.94 4.38 0.70
N ASN B 62 18.92 5.24 0.98
CA ASN B 62 18.77 6.69 1.03
C ASN B 62 18.64 7.32 -0.37
N ARG B 63 18.45 6.51 -1.41
CA ARG B 63 18.32 7.02 -2.76
C ARG B 63 16.98 7.70 -3.01
N PHE B 64 15.97 7.42 -2.19
CA PHE B 64 14.64 7.99 -2.35
C PHE B 64 14.46 9.21 -1.46
N SER B 65 13.88 10.26 -2.04
CA SER B 65 13.58 11.49 -1.32
C SER B 65 12.23 12.02 -1.77
N GLY B 66 11.56 12.71 -0.87
CA GLY B 66 10.23 13.23 -1.14
C GLY B 66 10.17 14.72 -0.90
N SER B 67 9.24 15.36 -1.60
CA SER B 67 9.02 16.80 -1.47
C SER B 67 7.53 17.09 -1.56
N LYS B 68 7.11 18.17 -0.91
CA LYS B 68 5.73 18.62 -0.93
C LYS B 68 5.68 20.09 -1.32
N SER B 69 4.64 20.45 -2.05
CA SER B 69 4.40 21.86 -2.41
C SER B 69 2.88 22.04 -2.54
N GLY B 70 2.26 22.46 -1.44
CA GLY B 70 0.84 22.69 -1.39
C GLY B 70 0.00 21.54 -1.89
N ASN B 71 -0.72 21.78 -2.99
CA ASN B 71 -1.58 20.76 -3.59
C ASN B 71 -0.82 19.61 -4.23
N THR B 72 0.51 19.66 -4.30
CA THR B 72 1.27 18.61 -4.95
C THR B 72 2.45 18.15 -4.10
N ALA B 73 2.84 16.90 -4.32
CA ALA B 73 3.98 16.27 -3.67
C ALA B 73 4.66 15.42 -4.72
N SER B 74 5.96 15.17 -4.53
CA SER B 74 6.68 14.39 -5.53
C SER B 74 7.74 13.51 -4.88
N LEU B 75 8.05 12.42 -5.57
CA LEU B 75 9.05 11.44 -5.17
C LEU B 75 10.14 11.44 -6.22
N THR B 76 11.38 11.68 -5.78
CA THR B 76 12.54 11.68 -6.67
C THR B 76 13.43 10.49 -6.36
N ILE B 77 13.78 9.74 -7.39
CA ILE B 77 14.63 8.55 -7.28
C ILE B 77 15.89 8.80 -8.10
N SER B 78 17.04 8.44 -7.53
CA SER B 78 18.32 8.60 -8.20
C SER B 78 19.08 7.28 -8.17
N GLY B 79 20.09 7.20 -9.03
CA GLY B 79 20.90 6.00 -9.17
C GLY B 79 20.13 4.79 -9.67
N LEU B 80 19.22 4.99 -10.62
CA LEU B 80 18.39 3.93 -11.17
C LEU B 80 19.20 2.66 -11.38
N GLN B 81 18.72 1.56 -10.80
CA GLN B 81 19.41 0.28 -10.86
C GLN B 81 18.61 -0.79 -11.61
N SER B 82 17.51 -0.41 -12.27
CA SER B 82 16.58 -1.29 -12.97
C SER B 82 15.69 -2.15 -12.07
N GLU B 83 15.92 -2.15 -10.76
CA GLU B 83 15.06 -2.85 -9.81
C GLU B 83 13.93 -1.97 -9.27
N ASP B 84 14.00 -0.66 -9.53
CA ASP B 84 13.02 0.35 -9.16
C ASP B 84 11.86 0.49 -10.13
N GLU B 85 11.80 -0.32 -11.18
CA GLU B 85 10.73 -0.23 -12.16
C GLU B 85 9.35 -0.49 -11.55
N ALA B 86 9.29 -1.10 -10.37
CA ALA B 86 8.02 -1.34 -9.70
C ALA B 86 7.18 -0.08 -9.61
N ASP B 87 5.89 -0.23 -9.87
CA ASP B 87 4.97 0.89 -9.83
C ASP B 87 4.91 1.52 -8.44
N TYR B 88 4.82 2.85 -8.41
CA TYR B 88 4.80 3.62 -7.18
C TYR B 88 3.45 4.29 -7.00
N TYR B 89 2.89 4.19 -5.80
CA TYR B 89 1.61 4.81 -5.47
C TYR B 89 1.80 5.78 -4.33
N CYS B 90 1.13 6.94 -4.41
CA CYS B 90 1.13 7.89 -3.31
C CYS B 90 -0.14 7.71 -2.49
N ASN B 91 -0.05 8.05 -1.22
CA ASN B 91 -1.17 7.90 -0.29
C ASN B 91 -1.16 9.07 0.69
N SER B 92 -2.36 9.48 1.08
CA SER B 92 -2.49 10.59 2.01
C SER B 92 -3.80 10.46 2.78
N LEU B 93 -3.83 11.09 3.95
CA LEU B 93 -5.02 11.11 4.78
C LEU B 93 -5.77 12.39 4.47
N THR B 94 -7.08 12.38 4.71
CA THR B 94 -7.91 13.50 4.34
C THR B 94 -8.87 13.81 5.48
N SER B 95 -9.37 15.05 5.48
CA SER B 95 -10.45 15.39 6.37
C SER B 95 -11.60 14.42 6.15
N ILE B 96 -12.51 14.37 7.13
CA ILE B 96 -13.58 13.37 7.19
C ILE B 96 -12.95 11.99 7.23
N SER B 97 -11.77 11.91 7.85
CA SER B 97 -11.09 10.65 8.19
C SER B 97 -11.08 9.61 7.08
N THR B 98 -10.58 9.99 5.90
CA THR B 98 -10.61 9.10 4.75
C THR B 98 -9.23 9.06 4.11
N TRP B 99 -8.88 7.89 3.56
CA TRP B 99 -7.63 7.66 2.84
C TRP B 99 -7.87 7.68 1.34
N VAL B 100 -6.88 8.18 0.60
CA VAL B 100 -6.94 8.22 -0.85
C VAL B 100 -5.63 7.67 -1.41
N PHE B 101 -5.72 6.98 -2.54
CA PHE B 101 -4.56 6.44 -3.24
C PHE B 101 -4.46 7.07 -4.62
N GLY B 102 -3.23 7.25 -5.09
CA GLY B 102 -3.01 7.74 -6.44
C GLY B 102 -3.18 6.67 -7.48
N GLY B 103 -3.30 7.10 -8.74
CA GLY B 103 -3.50 6.16 -9.82
C GLY B 103 -2.32 5.25 -10.11
N GLY B 104 -1.19 5.47 -9.46
CA GLY B 104 -0.02 4.64 -9.65
C GLY B 104 0.78 4.98 -10.89
N THR B 105 2.09 5.12 -10.74
CA THR B 105 3.01 5.41 -11.83
C THR B 105 3.91 4.22 -12.05
N LYS B 106 4.03 3.79 -13.30
CA LYS B 106 4.91 2.67 -13.65
C LYS B 106 6.23 3.21 -14.16
N LEU B 107 7.32 2.75 -13.57
CA LEU B 107 8.67 3.22 -13.89
C LEU B 107 9.35 2.22 -14.80
N THR B 108 9.84 2.68 -15.95
CA THR B 108 10.57 1.85 -16.89
C THR B 108 12.01 2.34 -16.99
N VAL B 109 12.96 1.47 -16.71
CA VAL B 109 14.39 1.78 -16.81
C VAL B 109 14.93 1.21 -18.10
N LEU B 110 15.65 2.04 -18.85
CA LEU B 110 16.25 1.64 -20.13
C LEU B 110 17.50 0.79 -19.90
N GLY B 111 17.30 -0.34 -19.23
CA GLY B 111 18.41 -1.21 -18.85
C GLY B 111 19.12 -1.92 -19.99
N ARG B 112 18.68 -1.74 -21.24
CA ARG B 112 19.38 -2.37 -22.36
C ARG B 112 19.06 -1.61 -23.64
N THR B 113 19.78 -1.98 -24.70
CA THR B 113 19.52 -1.43 -26.03
C THR B 113 18.13 -1.80 -26.53
N VAL B 114 17.60 -0.95 -27.41
CA VAL B 114 16.31 -1.20 -28.03
C VAL B 114 16.37 -2.45 -28.90
N ALA B 115 15.30 -3.24 -28.86
CA ALA B 115 15.16 -4.46 -29.65
C ALA B 115 13.83 -4.42 -30.36
N ALA B 116 13.84 -4.74 -31.67
CA ALA B 116 12.62 -4.64 -32.47
C ALA B 116 11.70 -5.85 -32.30
N PRO B 117 10.39 -5.65 -32.43
CA PRO B 117 9.43 -6.75 -32.37
C PRO B 117 9.37 -7.59 -33.63
N SER B 118 9.12 -8.88 -33.45
CA SER B 118 8.78 -9.80 -34.53
C SER B 118 7.27 -9.97 -34.48
N VAL B 119 6.62 -9.86 -35.64
CA VAL B 119 5.16 -9.85 -35.68
C VAL B 119 4.61 -10.96 -36.57
N PHE B 120 3.55 -11.61 -36.09
CA PHE B 120 2.90 -12.73 -36.75
C PHE B 120 1.40 -12.56 -36.63
N ILE B 121 0.66 -13.08 -37.61
CA ILE B 121 -0.80 -13.03 -37.62
C ILE B 121 -1.34 -14.40 -38.01
N PHE B 122 -2.40 -14.86 -37.31
CA PHE B 122 -2.94 -16.22 -37.53
C PHE B 122 -4.46 -16.23 -37.52
N PRO B 123 -5.10 -16.90 -38.48
CA PRO B 123 -6.53 -17.15 -38.40
C PRO B 123 -6.85 -18.43 -37.63
N PRO B 124 -7.66 -18.35 -36.56
CA PRO B 124 -8.15 -19.56 -35.90
C PRO B 124 -9.42 -20.05 -36.56
N SER B 125 -9.53 -19.72 -37.86
CA SER B 125 -10.78 -19.82 -38.60
C SER B 125 -11.39 -21.21 -38.60
N ASP B 126 -10.61 -22.26 -38.89
CA ASP B 126 -11.26 -23.54 -39.17
C ASP B 126 -11.99 -24.13 -37.96
N GLU B 127 -11.29 -24.32 -36.84
CA GLU B 127 -11.96 -24.88 -35.67
C GLU B 127 -12.87 -23.87 -34.98
N GLN B 128 -12.46 -22.61 -34.89
CA GLN B 128 -13.30 -21.64 -34.20
C GLN B 128 -14.59 -21.40 -34.97
N LEU B 129 -14.50 -21.21 -36.28
CA LEU B 129 -15.69 -21.00 -37.08
C LEU B 129 -16.56 -22.25 -37.12
N LYS B 130 -15.96 -23.45 -37.07
CA LYS B 130 -16.80 -24.63 -36.96
C LYS B 130 -17.52 -24.66 -35.63
N SER B 131 -16.88 -24.13 -34.57
CA SER B 131 -17.53 -24.05 -33.26
C SER B 131 -18.68 -23.05 -33.27
N GLY B 132 -18.61 -22.03 -34.11
CA GLY B 132 -19.65 -21.04 -34.21
C GLY B 132 -19.29 -19.62 -33.79
N THR B 133 -18.01 -19.28 -33.74
CA THR B 133 -17.57 -17.94 -33.37
C THR B 133 -16.30 -17.64 -34.16
N ALA B 134 -16.03 -16.35 -34.37
CA ALA B 134 -14.89 -15.93 -35.18
C ALA B 134 -13.99 -14.95 -34.43
N SER B 135 -12.69 -15.13 -34.59
CA SER B 135 -11.68 -14.25 -34.01
C SER B 135 -10.49 -14.20 -34.94
N VAL B 136 -9.71 -13.12 -34.83
CA VAL B 136 -8.47 -12.95 -35.56
C VAL B 136 -7.39 -12.60 -34.55
N VAL B 137 -6.18 -13.14 -34.77
CA VAL B 137 -5.10 -13.03 -33.80
C VAL B 137 -3.85 -12.45 -34.47
N CYS B 138 -3.13 -11.61 -33.73
CA CYS B 138 -1.90 -10.96 -34.17
C CYS B 138 -0.91 -11.08 -33.02
N LEU B 139 0.34 -11.40 -33.34
CA LEU B 139 1.38 -11.66 -32.34
C LEU B 139 2.58 -10.74 -32.50
N LEU B 140 3.05 -10.19 -31.38
CA LEU B 140 4.24 -9.35 -31.30
C LEU B 140 5.21 -10.06 -30.37
N ASN B 141 6.42 -10.36 -30.86
CA ASN B 141 7.38 -11.18 -30.14
C ASN B 141 8.68 -10.47 -29.76
N ASN B 142 9.10 -10.73 -28.52
CA ASN B 142 10.38 -10.32 -27.94
C ASN B 142 10.84 -8.90 -28.26
N PHE B 143 9.97 -7.92 -28.01
CA PHE B 143 10.40 -6.54 -28.13
C PHE B 143 10.91 -6.05 -26.78
N TYR B 144 11.64 -4.92 -26.78
CA TYR B 144 12.14 -4.41 -25.51
C TYR B 144 11.36 -3.25 -24.90
N PRO B 145 11.14 -2.14 -25.61
CA PRO B 145 10.57 -0.97 -24.94
C PRO B 145 9.22 -1.22 -24.30
N ARG B 146 8.43 -2.12 -24.89
CA ARG B 146 7.10 -2.52 -24.42
C ARG B 146 6.09 -1.38 -24.41
N GLU B 147 6.43 -0.20 -24.93
CA GLU B 147 5.49 0.91 -25.08
C GLU B 147 4.68 0.77 -26.37
N ALA B 148 4.78 -0.38 -27.03
CA ALA B 148 4.14 -0.61 -28.32
C ALA B 148 2.65 -0.28 -28.32
N LYS B 149 2.23 0.30 -29.44
CA LYS B 149 0.83 0.59 -29.74
C LYS B 149 0.36 -0.42 -30.76
N VAL B 150 -0.87 -0.91 -30.59
CA VAL B 150 -1.43 -1.92 -31.48
C VAL B 150 -2.80 -1.48 -31.95
N GLN B 151 -3.05 -1.66 -33.26
CA GLN B 151 -4.28 -1.28 -33.92
C GLN B 151 -4.75 -2.44 -34.78
N TRP B 152 -6.07 -2.64 -34.84
CA TRP B 152 -6.66 -3.67 -35.67
C TRP B 152 -7.33 -3.01 -36.86
N LYS B 153 -7.10 -3.56 -38.05
CA LYS B 153 -7.66 -3.02 -39.29
C LYS B 153 -8.45 -4.11 -40.01
N VAL B 154 -9.67 -3.74 -40.41
CA VAL B 154 -10.56 -4.62 -41.16
C VAL B 154 -11.03 -3.82 -42.36
N ASP B 155 -10.80 -4.33 -43.57
CA ASP B 155 -11.06 -3.56 -44.77
C ASP B 155 -10.41 -2.18 -44.66
N ASN B 156 -9.24 -2.16 -44.04
CA ASN B 156 -8.48 -0.95 -43.71
C ASN B 156 -9.26 0.01 -42.83
N ALA B 157 -10.34 -0.47 -42.20
CA ALA B 157 -11.08 0.32 -41.24
C ALA B 157 -10.58 -0.05 -39.85
N LEU B 158 -10.56 0.92 -38.95
CA LEU B 158 -9.94 0.71 -37.64
C LEU B 158 -10.98 0.26 -36.63
N GLN B 159 -10.60 -0.72 -35.81
CA GLN B 159 -11.46 -1.32 -34.82
C GLN B 159 -10.86 -1.13 -33.44
N SER B 160 -11.71 -0.94 -32.43
CA SER B 160 -11.26 -0.78 -31.06
C SER B 160 -12.34 -1.33 -30.13
N GLY B 161 -11.91 -1.75 -28.94
CA GLY B 161 -12.82 -2.35 -27.99
C GLY B 161 -13.21 -3.78 -28.31
N ASN B 162 -13.27 -4.11 -29.60
CA ASN B 162 -13.55 -5.47 -30.05
C ASN B 162 -12.34 -6.39 -29.93
N SER B 163 -11.19 -5.88 -29.48
CA SER B 163 -9.98 -6.66 -29.34
C SER B 163 -9.49 -6.61 -27.90
N GLN B 164 -8.75 -7.66 -27.50
CA GLN B 164 -8.10 -7.72 -26.21
C GLN B 164 -6.65 -8.12 -26.40
N GLU B 165 -5.75 -7.43 -25.69
CA GLU B 165 -4.32 -7.66 -25.79
C GLU B 165 -3.74 -8.02 -24.42
N SER B 166 -2.71 -8.86 -24.44
CA SER B 166 -2.02 -9.31 -23.23
C SER B 166 -0.52 -9.28 -23.48
N VAL B 167 0.23 -8.75 -22.50
CA VAL B 167 1.68 -8.62 -22.59
C VAL B 167 2.32 -9.46 -21.52
N THR B 168 3.25 -10.33 -21.92
CA THR B 168 3.96 -11.19 -20.97
C THR B 168 4.99 -10.37 -20.19
N GLU B 169 5.38 -10.90 -19.04
CA GLU B 169 6.35 -10.21 -18.19
C GLU B 169 7.73 -10.19 -18.85
N GLN B 170 8.61 -9.35 -18.29
CA GLN B 170 9.97 -9.20 -18.79
C GLN B 170 10.72 -10.51 -18.75
N ASP B 171 11.25 -10.93 -19.90
CA ASP B 171 12.03 -12.16 -20.00
C ASP B 171 13.43 -11.87 -19.47
N SER B 172 13.73 -12.39 -18.28
CA SER B 172 14.99 -12.11 -17.60
C SER B 172 16.23 -12.54 -18.37
N LYS B 173 16.10 -13.33 -19.45
CA LYS B 173 17.30 -13.68 -20.21
C LYS B 173 17.77 -12.52 -21.08
N ASP B 174 16.87 -11.63 -21.46
CA ASP B 174 17.25 -10.54 -22.35
C ASP B 174 16.41 -9.28 -22.14
N SER B 175 15.56 -9.23 -21.12
CA SER B 175 14.69 -8.10 -20.82
C SER B 175 13.68 -7.80 -21.92
N THR B 176 13.50 -8.70 -22.89
CA THR B 176 12.53 -8.44 -23.94
C THR B 176 11.10 -8.69 -23.46
N TYR B 177 10.16 -8.26 -24.28
CA TYR B 177 8.73 -8.35 -23.99
C TYR B 177 8.00 -8.88 -25.22
N SER B 178 6.80 -9.42 -24.99
CA SER B 178 5.98 -9.95 -26.06
C SER B 178 4.53 -9.61 -25.77
N LEU B 179 3.76 -9.37 -26.83
CA LEU B 179 2.36 -9.01 -26.71
C LEU B 179 1.52 -9.90 -27.61
N SER B 180 0.34 -10.28 -27.11
CA SER B 180 -0.64 -11.03 -27.86
C SER B 180 -1.83 -10.13 -28.15
N SER B 181 -2.34 -10.19 -29.37
CA SER B 181 -3.45 -9.35 -29.80
C SER B 181 -4.49 -10.20 -30.50
N THR B 182 -5.77 -9.90 -30.25
CA THR B 182 -6.84 -10.70 -30.81
C THR B 182 -8.13 -9.88 -30.86
N LEU B 183 -8.72 -9.81 -32.05
CA LEU B 183 -10.00 -9.16 -32.28
C LEU B 183 -11.05 -10.25 -32.43
N THR B 184 -12.26 -9.99 -31.93
CA THR B 184 -13.34 -10.96 -31.98
C THR B 184 -14.52 -10.42 -32.78
N LEU B 185 -15.16 -11.33 -33.51
CA LEU B 185 -16.23 -11.00 -34.44
C LEU B 185 -17.26 -12.12 -34.45
N SER B 186 -18.45 -11.81 -34.92
CA SER B 186 -19.50 -12.80 -35.07
C SER B 186 -19.41 -13.44 -36.45
N LYS B 187 -19.90 -14.67 -36.54
CA LYS B 187 -19.79 -15.43 -37.78
C LYS B 187 -20.31 -14.65 -38.99
N ALA B 188 -21.48 -14.00 -38.85
CA ALA B 188 -22.02 -13.24 -39.96
C ALA B 188 -21.11 -12.06 -40.32
N ASP B 189 -20.66 -11.31 -39.32
CA ASP B 189 -19.77 -10.19 -39.60
C ASP B 189 -18.42 -10.67 -40.12
N TYR B 190 -17.91 -11.76 -39.56
CA TYR B 190 -16.64 -12.30 -40.03
C TYR B 190 -16.72 -12.70 -41.50
N GLU B 191 -17.87 -13.24 -41.93
CA GLU B 191 -18.06 -13.59 -43.33
C GLU B 191 -18.31 -12.36 -44.20
N LYS B 192 -18.94 -11.32 -43.65
CA LYS B 192 -19.12 -10.09 -44.41
C LYS B 192 -17.79 -9.45 -44.79
N HIS B 193 -16.87 -9.36 -43.84
CA HIS B 193 -15.58 -8.73 -44.09
C HIS B 193 -14.75 -9.56 -45.06
N LYS B 194 -13.91 -8.86 -45.82
CA LYS B 194 -13.03 -9.46 -46.83
C LYS B 194 -11.56 -9.44 -46.45
N VAL B 195 -11.07 -8.38 -45.82
CA VAL B 195 -9.67 -8.23 -45.50
C VAL B 195 -9.50 -8.04 -44.00
N TYR B 196 -8.44 -8.64 -43.45
CA TYR B 196 -8.10 -8.56 -42.03
C TYR B 196 -6.66 -8.13 -41.90
N ALA B 197 -6.39 -7.19 -40.98
CA ALA B 197 -5.03 -6.70 -40.80
C ALA B 197 -4.84 -6.22 -39.37
N CYS B 198 -3.58 -6.28 -38.91
CA CYS B 198 -3.18 -5.74 -37.62
C CYS B 198 -2.00 -4.80 -37.86
N GLU B 199 -1.98 -3.70 -37.11
CA GLU B 199 -0.98 -2.65 -37.26
C GLU B 199 -0.38 -2.33 -35.91
N VAL B 200 0.94 -2.12 -35.87
CA VAL B 200 1.65 -1.79 -34.65
C VAL B 200 2.61 -0.64 -34.90
N THR B 201 2.65 0.30 -33.94
CA THR B 201 3.55 1.44 -33.94
C THR B 201 4.29 1.40 -32.60
N HIS B 202 5.61 1.40 -32.64
CA HIS B 202 6.34 1.23 -31.40
C HIS B 202 7.75 1.79 -31.55
N GLN B 203 8.31 2.25 -30.41
CA GLN B 203 9.69 2.70 -30.39
C GLN B 203 10.66 1.61 -30.83
N GLY B 204 10.28 0.34 -30.64
CA GLY B 204 11.10 -0.77 -31.09
C GLY B 204 11.20 -0.88 -32.59
N LEU B 205 10.40 -0.12 -33.33
CA LEU B 205 10.38 -0.15 -34.78
C LEU B 205 10.76 1.22 -35.33
N SER B 206 11.46 1.20 -36.47
CA SER B 206 11.84 2.46 -37.12
C SER B 206 10.64 3.13 -37.77
N SER B 207 9.66 2.34 -38.19
CA SER B 207 8.42 2.85 -38.77
C SER B 207 7.34 1.83 -38.49
N PRO B 208 6.07 2.24 -38.52
CA PRO B 208 4.98 1.29 -38.25
C PRO B 208 5.06 0.07 -39.16
N VAL B 209 4.69 -1.07 -38.60
CA VAL B 209 4.67 -2.34 -39.33
C VAL B 209 3.22 -2.80 -39.37
N THR B 210 2.76 -3.18 -40.57
CA THR B 210 1.41 -3.66 -40.77
C THR B 210 1.44 -5.00 -41.48
N LYS B 211 0.63 -5.93 -41.00
CA LYS B 211 0.47 -7.25 -41.60
C LYS B 211 -0.99 -7.42 -41.96
N SER B 212 -1.25 -7.98 -43.14
CA SER B 212 -2.63 -8.09 -43.60
C SER B 212 -2.78 -9.32 -44.49
N PHE B 213 -4.01 -9.82 -44.53
CA PHE B 213 -4.38 -10.94 -45.39
C PHE B 213 -5.84 -10.79 -45.76
N ASN B 214 -6.22 -11.35 -46.91
CA ASN B 214 -7.61 -11.37 -47.34
C ASN B 214 -8.18 -12.75 -47.09
N ARG B 215 -9.36 -12.79 -46.45
CA ARG B 215 -10.01 -14.05 -46.12
C ARG B 215 -10.26 -14.91 -47.35
N GLY B 216 -10.44 -14.27 -48.51
CA GLY B 216 -10.69 -14.97 -49.76
C GLY B 216 -9.49 -15.59 -50.46
N GLU B 217 -8.27 -15.39 -49.97
CA GLU B 217 -7.13 -15.97 -50.68
C GLU B 217 -7.11 -17.49 -50.60
N CYS B 218 -7.54 -18.06 -49.48
CA CYS B 218 -7.60 -19.52 -49.35
C CYS B 218 -9.03 -20.03 -49.46
N GLN C 1 10.66 -10.02 13.94
CA GLN C 1 9.95 -10.17 12.65
C GLN C 1 8.44 -9.97 12.82
N VAL C 2 7.78 -9.56 11.73
CA VAL C 2 6.33 -9.41 11.71
C VAL C 2 5.81 -10.07 10.45
N GLN C 3 4.68 -10.77 10.56
CA GLN C 3 4.06 -11.38 9.40
C GLN C 3 2.54 -11.38 9.56
N LEU C 4 1.86 -11.29 8.42
CA LEU C 4 0.40 -11.34 8.36
C LEU C 4 0.00 -12.32 7.26
N VAL C 5 -1.13 -12.98 7.47
CA VAL C 5 -1.66 -13.93 6.48
C VAL C 5 -3.17 -13.74 6.34
N GLU C 6 -3.63 -13.62 5.10
CA GLU C 6 -5.06 -13.53 4.79
C GLU C 6 -5.56 -14.89 4.31
N SER C 7 -6.82 -15.19 4.63
CA SER C 7 -7.40 -16.48 4.27
C SER C 7 -8.90 -16.35 4.06
N GLY C 8 -9.44 -17.28 3.27
CA GLY C 8 -10.86 -17.38 3.00
C GLY C 8 -11.32 -16.77 1.69
N GLY C 9 -10.50 -15.93 1.07
CA GLY C 9 -10.89 -15.34 -0.20
C GLY C 9 -10.93 -16.36 -1.32
N GLY C 10 -11.94 -16.23 -2.18
CA GLY C 10 -12.05 -17.15 -3.30
C GLY C 10 -13.24 -16.84 -4.18
N VAL C 11 -13.57 -17.81 -5.03
CA VAL C 11 -14.70 -17.67 -5.95
C VAL C 11 -16.03 -17.66 -5.19
N VAL C 12 -16.94 -16.79 -5.62
CA VAL C 12 -18.29 -16.71 -5.09
C VAL C 12 -19.20 -16.21 -6.20
N GLN C 13 -20.51 -16.45 -6.04
CA GLN C 13 -21.47 -15.89 -6.99
C GLN C 13 -21.89 -14.50 -6.53
N PRO C 14 -22.41 -13.67 -7.43
CA PRO C 14 -22.80 -12.31 -7.05
C PRO C 14 -23.93 -12.29 -6.02
N GLY C 15 -23.99 -11.17 -5.31
CA GLY C 15 -24.99 -10.91 -4.29
C GLY C 15 -24.84 -11.69 -2.99
N ARG C 16 -23.89 -12.61 -2.92
CA ARG C 16 -23.69 -13.37 -1.69
C ARG C 16 -22.81 -12.60 -0.70
N SER C 17 -22.79 -13.11 0.53
CA SER C 17 -21.91 -12.62 1.58
C SER C 17 -20.69 -13.53 1.68
N LEU C 18 -19.59 -12.97 2.18
CA LEU C 18 -18.36 -13.73 2.38
C LEU C 18 -17.59 -13.11 3.53
N ARG C 19 -16.78 -13.93 4.19
CA ARG C 19 -15.97 -13.50 5.32
C ARG C 19 -14.50 -13.78 5.09
N LEU C 20 -13.66 -12.79 5.35
CA LEU C 20 -12.21 -12.90 5.22
C LEU C 20 -11.55 -12.75 6.59
N SER C 21 -10.45 -13.46 6.79
CA SER C 21 -9.68 -13.37 8.02
C SER C 21 -8.24 -13.01 7.69
N CYS C 22 -7.62 -12.29 8.62
CA CYS C 22 -6.20 -11.94 8.54
C CYS C 22 -5.63 -12.21 9.93
N ALA C 23 -4.48 -12.86 9.98
CA ALA C 23 -3.85 -13.20 11.25
C ALA C 23 -2.45 -12.64 11.29
N ALA C 24 -2.10 -12.01 12.41
CA ALA C 24 -0.83 -11.32 12.58
C ALA C 24 -0.08 -11.92 13.77
N SER C 25 1.25 -11.90 13.67
CA SER C 25 2.10 -12.36 14.75
C SER C 25 3.41 -11.58 14.71
N GLY C 26 4.05 -11.45 15.87
CA GLY C 26 5.30 -10.73 15.98
C GLY C 26 5.20 -9.31 16.50
N PHE C 27 3.99 -8.79 16.75
CA PHE C 27 3.84 -7.44 17.28
C PHE C 27 2.55 -7.35 18.08
N THR C 28 2.44 -6.29 18.88
CA THR C 28 1.26 -6.00 19.68
C THR C 28 0.09 -5.59 18.80
N PHE C 29 -0.57 -6.60 18.23
CA PHE C 29 -1.71 -6.37 17.34
C PHE C 29 -2.76 -5.48 17.99
N SER C 30 -3.00 -5.65 19.28
CA SER C 30 -3.97 -4.82 20.00
C SER C 30 -3.60 -3.35 20.04
N ASN C 31 -2.30 -3.02 20.03
CA ASN C 31 -1.90 -1.63 20.15
C ASN C 31 -2.22 -0.76 18.94
N TYR C 32 -1.91 -1.22 17.73
CA TYR C 32 -1.98 -0.25 16.63
C TYR C 32 -3.32 -0.12 15.92
N ALA C 33 -3.42 -0.69 14.73
CA ALA C 33 -4.62 -0.59 13.90
C ALA C 33 -4.50 -1.61 12.78
N MET C 34 -5.63 -1.97 12.21
CA MET C 34 -5.65 -2.82 11.03
C MET C 34 -6.46 -2.15 9.93
N TYR C 35 -5.97 -2.31 8.71
CA TYR C 35 -6.56 -1.71 7.52
C TYR C 35 -6.77 -2.81 6.48
N TRP C 36 -7.75 -2.61 5.62
CA TRP C 36 -7.94 -3.46 4.46
C TRP C 36 -7.80 -2.63 3.20
N VAL C 37 -7.09 -3.17 2.21
CA VAL C 37 -6.83 -2.48 0.96
C VAL C 37 -7.02 -3.50 -0.15
N ARG C 38 -7.61 -3.08 -1.26
CA ARG C 38 -7.85 -4.00 -2.35
C ARG C 38 -7.26 -3.45 -3.65
N GLN C 39 -6.96 -4.36 -4.57
CA GLN C 39 -6.38 -4.03 -5.86
C GLN C 39 -7.07 -4.85 -6.93
N ALA C 40 -7.86 -4.22 -7.77
CA ALA C 40 -8.44 -4.91 -8.90
C ALA C 40 -7.32 -5.24 -9.88
N PRO C 41 -7.22 -6.48 -10.35
CA PRO C 41 -6.12 -6.81 -11.28
C PRO C 41 -6.04 -5.85 -12.45
N GLY C 42 -4.84 -5.35 -12.70
CA GLY C 42 -4.61 -4.38 -13.75
C GLY C 42 -4.90 -2.95 -13.38
N LYS C 43 -5.18 -2.65 -12.11
CA LYS C 43 -5.48 -1.31 -11.66
C LYS C 43 -4.68 -1.00 -10.40
N GLY C 44 -4.73 0.26 -9.98
CA GLY C 44 -4.03 0.70 -8.80
C GLY C 44 -4.69 0.23 -7.53
N LEU C 45 -4.18 0.75 -6.42
CA LEU C 45 -4.67 0.40 -5.10
C LEU C 45 -5.72 1.40 -4.64
N GLU C 46 -6.65 0.92 -3.82
CA GLU C 46 -7.68 1.78 -3.23
C GLU C 46 -7.98 1.22 -1.85
N TRP C 47 -8.40 2.10 -0.94
CA TRP C 47 -8.62 1.74 0.45
C TRP C 47 -10.05 1.27 0.68
N VAL C 48 -10.19 0.18 1.43
CA VAL C 48 -11.49 -0.43 1.68
C VAL C 48 -12.05 -0.13 3.07
N ALA C 49 -11.29 -0.45 4.12
CA ALA C 49 -11.82 -0.27 5.47
C ALA C 49 -10.67 -0.16 6.47
N VAL C 50 -11.02 0.30 7.67
CA VAL C 50 -10.06 0.47 8.76
C VAL C 50 -10.78 0.26 10.08
N ILE C 51 -10.01 -0.18 11.09
CA ILE C 51 -10.52 -0.38 12.45
C ILE C 51 -9.48 0.11 13.44
N SER C 52 -9.94 0.59 14.58
CA SER C 52 -9.04 1.18 15.58
C SER C 52 -8.54 0.14 16.57
N TYR C 53 -7.43 0.47 17.23
CA TYR C 53 -6.84 -0.38 18.25
C TYR C 53 -7.86 -1.08 19.14
N ASP C 54 -8.80 -0.33 19.71
CA ASP C 54 -9.83 -0.94 20.53
C ASP C 54 -10.98 -1.56 19.74
N GLY C 55 -11.09 -1.28 18.45
CA GLY C 55 -12.22 -1.78 17.68
C GLY C 55 -13.47 -0.97 17.89
N SER C 56 -13.38 0.12 18.66
CA SER C 56 -14.54 0.96 18.94
C SER C 56 -14.95 1.80 17.75
N ASN C 57 -14.03 2.08 16.82
CA ASN C 57 -14.30 2.93 15.68
C ASN C 57 -13.99 2.21 14.39
N LYS C 58 -14.79 2.48 13.36
CA LYS C 58 -14.68 1.87 12.06
C LYS C 58 -14.96 2.91 10.99
N TYR C 59 -14.28 2.77 9.86
CA TYR C 59 -14.53 3.64 8.71
C TYR C 59 -14.47 2.78 7.44
N TYR C 60 -15.20 3.21 6.42
CA TYR C 60 -15.30 2.45 5.18
C TYR C 60 -15.33 3.41 4.00
N ALA C 61 -14.89 2.91 2.85
CA ALA C 61 -15.00 3.71 1.64
C ALA C 61 -16.47 3.78 1.20
N ASP C 62 -16.81 4.85 0.49
CA ASP C 62 -18.18 5.03 0.05
C ASP C 62 -18.67 3.86 -0.79
N SER C 63 -17.77 3.20 -1.53
CA SER C 63 -18.16 2.04 -2.32
C SER C 63 -18.59 0.85 -1.47
N VAL C 64 -18.15 0.77 -0.23
CA VAL C 64 -18.41 -0.39 0.62
C VAL C 64 -19.09 0.01 1.93
N LYS C 65 -19.14 1.31 2.20
CA LYS C 65 -19.76 1.78 3.43
C LYS C 65 -21.16 1.20 3.61
N GLY C 66 -21.39 0.65 4.80
CA GLY C 66 -22.63 -0.02 5.14
C GLY C 66 -22.75 -1.42 4.58
N ARG C 67 -22.19 -1.67 3.39
CA ARG C 67 -22.24 -3.02 2.84
C ARG C 67 -21.32 -3.97 3.61
N PHE C 68 -20.07 -3.59 3.76
CA PHE C 68 -19.07 -4.40 4.46
C PHE C 68 -19.03 -4.02 5.94
N THR C 69 -18.47 -4.94 6.73
CA THR C 69 -18.27 -4.72 8.16
C THR C 69 -16.90 -5.25 8.54
N ILE C 70 -16.19 -4.49 9.37
CA ILE C 70 -14.87 -4.86 9.85
C ILE C 70 -14.95 -5.10 11.35
N SER C 71 -14.28 -6.17 11.80
CA SER C 71 -14.27 -6.54 13.20
C SER C 71 -12.94 -7.22 13.50
N ARG C 72 -12.55 -7.16 14.77
CA ARG C 72 -11.27 -7.72 15.19
C ARG C 72 -11.42 -8.36 16.56
N ASP C 73 -10.55 -9.33 16.83
CA ASP C 73 -10.45 -9.99 18.14
C ASP C 73 -9.02 -9.81 18.62
N ASN C 74 -8.79 -8.78 19.43
CA ASN C 74 -7.45 -8.50 19.94
C ASN C 74 -6.96 -9.56 20.92
N SER C 75 -7.81 -10.50 21.32
CA SER C 75 -7.36 -11.60 22.17
C SER C 75 -6.71 -12.72 21.37
N LYS C 76 -6.87 -12.73 20.05
CA LYS C 76 -6.34 -13.78 19.19
C LYS C 76 -5.34 -13.24 18.16
N ASN C 77 -5.01 -11.95 18.20
CA ASN C 77 -4.21 -11.34 17.15
C ASN C 77 -4.79 -11.68 15.79
N THR C 78 -6.11 -11.61 15.69
CA THR C 78 -6.85 -11.99 14.50
C THR C 78 -7.77 -10.85 14.06
N LEU C 79 -7.85 -10.65 12.76
CA LEU C 79 -8.67 -9.62 12.15
C LEU C 79 -9.68 -10.29 11.21
N TYR C 80 -10.85 -9.69 11.09
CA TYR C 80 -11.88 -10.23 10.21
C TYR C 80 -12.52 -9.12 9.39
N LEU C 81 -13.01 -9.50 8.21
CA LEU C 81 -13.80 -8.62 7.36
C LEU C 81 -15.03 -9.38 6.92
N GLN C 82 -16.20 -8.74 7.04
CA GLN C 82 -17.46 -9.33 6.61
C GLN C 82 -17.96 -8.58 5.38
N MET C 83 -18.22 -9.31 4.30
CA MET C 83 -18.69 -8.73 3.05
C MET C 83 -20.11 -9.21 2.76
N ASN C 84 -20.97 -8.28 2.36
CA ASN C 84 -22.34 -8.58 2.02
C ASN C 84 -22.71 -7.92 0.71
N SER C 85 -23.62 -8.55 -0.02
CA SER C 85 -24.06 -8.04 -1.33
C SER C 85 -22.89 -7.76 -2.25
N LEU C 86 -22.02 -8.75 -2.41
CA LEU C 86 -20.86 -8.60 -3.28
C LEU C 86 -21.30 -8.32 -4.71
N ARG C 87 -20.56 -7.44 -5.39
CA ARG C 87 -20.89 -7.05 -6.75
C ARG C 87 -19.67 -7.21 -7.64
N THR C 88 -19.92 -7.17 -8.95
CA THR C 88 -18.88 -7.40 -9.95
C THR C 88 -17.70 -6.45 -9.82
N GLU C 89 -17.86 -5.34 -9.11
CA GLU C 89 -16.75 -4.41 -8.91
C GLU C 89 -15.87 -4.79 -7.74
N ASP C 90 -16.32 -5.73 -6.91
CA ASP C 90 -15.56 -6.23 -5.76
C ASP C 90 -14.56 -7.30 -6.16
N THR C 91 -14.46 -7.63 -7.44
CA THR C 91 -13.59 -8.71 -7.93
C THR C 91 -12.12 -8.33 -7.88
N ALA C 92 -11.61 -7.99 -6.69
CA ALA C 92 -10.23 -7.53 -6.54
C ALA C 92 -9.45 -8.45 -5.60
N VAL C 93 -8.20 -8.06 -5.37
CA VAL C 93 -7.30 -8.67 -4.40
C VAL C 93 -7.37 -7.81 -3.15
N TYR C 94 -7.52 -8.43 -1.98
CA TYR C 94 -7.67 -7.72 -0.71
C TYR C 94 -6.49 -8.02 0.20
N TYR C 95 -5.81 -6.95 0.65
CA TYR C 95 -4.68 -7.04 1.55
C TYR C 95 -5.05 -6.50 2.92
N CYS C 96 -4.52 -7.10 3.98
CA CYS C 96 -4.66 -6.55 5.31
C CYS C 96 -3.35 -5.84 5.67
N ALA C 97 -3.46 -4.75 6.42
CA ALA C 97 -2.27 -3.98 6.77
C ALA C 97 -2.49 -3.30 8.11
N SER C 98 -1.39 -3.05 8.82
CA SER C 98 -1.44 -2.48 10.15
C SER C 98 -0.52 -1.27 10.28
N GLY C 99 -0.86 -0.42 11.25
CA GLY C 99 0.00 0.67 11.64
C GLY C 99 1.25 0.16 12.32
N SER C 100 2.15 1.09 12.63
CA SER C 100 3.35 0.75 13.40
C SER C 100 3.83 2.01 14.12
N ASP C 101 4.98 1.87 14.80
CA ASP C 101 5.58 3.02 15.48
C ASP C 101 5.87 4.17 14.52
N TYR C 102 6.03 3.88 13.23
CA TYR C 102 6.24 4.96 12.28
C TYR C 102 5.00 5.85 12.17
N GLY C 103 3.83 5.29 12.47
CA GLY C 103 2.60 6.04 12.39
C GLY C 103 1.39 5.14 12.28
N ASP C 104 0.40 5.34 13.15
CA ASP C 104 -0.80 4.50 13.10
C ASP C 104 -1.53 4.69 11.79
N TYR C 105 -1.41 5.86 11.19
CA TYR C 105 -2.04 6.18 9.91
C TYR C 105 -1.32 5.58 8.71
N LEU C 106 -0.18 4.92 8.90
CA LEU C 106 0.62 4.39 7.81
C LEU C 106 0.45 2.89 7.66
N LEU C 107 0.32 2.43 6.41
CA LEU C 107 0.19 1.01 6.09
C LEU C 107 1.60 0.40 6.06
N VAL C 108 2.18 0.27 7.25
CA VAL C 108 3.56 -0.18 7.39
C VAL C 108 3.71 -1.64 6.99
N TYR C 109 2.94 -2.53 7.60
CA TYR C 109 3.03 -3.95 7.34
C TYR C 109 1.85 -4.44 6.50
N TRP C 110 2.15 -5.31 5.54
CA TRP C 110 1.16 -5.85 4.63
C TRP C 110 1.25 -7.37 4.61
N GLY C 111 0.10 -8.00 4.44
CA GLY C 111 0.03 -9.44 4.24
C GLY C 111 0.31 -9.81 2.80
N GLN C 112 -0.41 -10.83 2.32
CA GLN C 112 -0.32 -11.26 0.92
C GLN C 112 -1.76 -11.62 0.55
N GLY C 113 -2.46 -10.64 -0.01
CA GLY C 113 -3.90 -10.71 -0.20
C GLY C 113 -4.48 -11.89 -0.95
N THR C 114 -5.71 -12.23 -0.59
CA THR C 114 -6.49 -13.26 -1.24
C THR C 114 -7.24 -12.68 -2.43
N LEU C 115 -7.54 -13.53 -3.40
CA LEU C 115 -8.25 -13.12 -4.61
C LEU C 115 -9.71 -13.52 -4.48
N VAL C 116 -10.62 -12.56 -4.67
CA VAL C 116 -12.05 -12.80 -4.58
C VAL C 116 -12.73 -12.23 -5.82
N THR C 117 -13.56 -13.04 -6.47
CA THR C 117 -14.31 -12.61 -7.65
C THR C 117 -15.72 -13.15 -7.59
N VAL C 118 -16.70 -12.33 -7.97
CA VAL C 118 -18.09 -12.75 -8.03
C VAL C 118 -18.43 -13.05 -9.48
N SER C 119 -18.93 -14.26 -9.75
CA SER C 119 -19.30 -14.64 -11.10
C SER C 119 -20.45 -15.63 -11.08
N SER C 120 -21.45 -15.41 -11.92
CA SER C 120 -22.56 -16.33 -12.02
C SER C 120 -22.24 -17.51 -12.94
N ALA C 121 -21.22 -17.37 -13.78
CA ALA C 121 -20.81 -18.44 -14.67
C ALA C 121 -20.28 -19.65 -13.91
N SER C 122 -20.65 -20.83 -14.40
CA SER C 122 -20.19 -22.08 -13.81
C SER C 122 -18.73 -22.34 -14.16
N THR C 123 -18.18 -23.41 -13.59
CA THR C 123 -16.80 -23.82 -13.84
C THR C 123 -16.64 -24.47 -15.22
N LYS C 124 -17.00 -23.70 -16.25
CA LYS C 124 -16.88 -24.18 -17.63
C LYS C 124 -15.43 -24.46 -17.95
N GLY C 125 -15.16 -25.62 -18.54
CA GLY C 125 -13.82 -25.96 -18.95
C GLY C 125 -13.41 -25.35 -20.28
N PRO C 126 -12.10 -25.22 -20.49
CA PRO C 126 -11.61 -24.63 -21.74
C PRO C 126 -11.72 -25.56 -22.94
N SER C 127 -11.63 -24.94 -24.12
CA SER C 127 -11.57 -25.63 -25.40
C SER C 127 -10.37 -25.05 -26.14
N VAL C 128 -9.63 -25.92 -26.85
CA VAL C 128 -8.38 -25.54 -27.49
C VAL C 128 -8.52 -25.59 -29.01
N PHE C 129 -8.10 -24.51 -29.67
CA PHE C 129 -8.10 -24.36 -31.11
C PHE C 129 -6.69 -24.03 -31.58
N PRO C 130 -6.31 -24.39 -32.82
CA PRO C 130 -4.96 -24.11 -33.29
C PRO C 130 -4.84 -22.85 -34.15
N LEU C 131 -3.65 -22.29 -34.26
CA LEU C 131 -3.39 -21.18 -35.16
C LEU C 131 -2.97 -21.72 -36.53
N ALA C 132 -3.34 -20.99 -37.59
CA ALA C 132 -3.00 -21.41 -38.96
C ALA C 132 -1.65 -20.91 -39.48
N PRO C 133 -0.61 -21.75 -39.53
CA PRO C 133 0.66 -21.33 -40.12
C PRO C 133 0.46 -20.92 -41.59
N SER C 134 1.07 -19.81 -41.99
CA SER C 134 0.83 -19.29 -43.34
C SER C 134 1.94 -18.31 -43.72
N SER C 135 1.83 -17.79 -44.95
CA SER C 135 2.83 -16.86 -45.47
C SER C 135 2.85 -15.54 -44.70
N LYS C 136 1.69 -15.08 -44.25
CA LYS C 136 1.62 -13.90 -43.41
C LYS C 136 2.22 -14.12 -42.03
N SER C 137 2.74 -15.32 -41.79
CA SER C 137 3.40 -15.68 -40.54
C SER C 137 4.82 -16.14 -40.89
N THR C 138 4.94 -17.37 -41.41
CA THR C 138 6.21 -17.92 -41.84
C THR C 138 6.91 -16.95 -42.80
N SER C 139 8.01 -16.36 -42.35
CA SER C 139 8.76 -15.41 -43.17
C SER C 139 10.24 -15.46 -42.75
N GLY C 140 11.11 -15.19 -43.72
CA GLY C 140 12.54 -15.28 -43.47
C GLY C 140 12.97 -16.66 -43.02
N GLY C 141 12.26 -17.69 -43.45
CA GLY C 141 12.54 -19.06 -43.05
C GLY C 141 12.18 -19.38 -41.62
N THR C 142 11.56 -18.44 -40.90
CA THR C 142 11.18 -18.61 -39.51
C THR C 142 9.67 -18.43 -39.42
N ALA C 143 9.05 -19.15 -38.48
CA ALA C 143 7.61 -19.06 -38.34
C ALA C 143 7.21 -19.21 -36.88
N ALA C 144 6.06 -18.64 -36.55
CA ALA C 144 5.42 -18.81 -35.26
C ALA C 144 4.20 -19.71 -35.40
N LEU C 145 3.96 -20.55 -34.41
CA LEU C 145 2.78 -21.39 -34.37
C LEU C 145 2.14 -21.24 -32.99
N GLY C 146 0.82 -21.38 -32.93
CA GLY C 146 0.10 -21.13 -31.70
C GLY C 146 -1.17 -21.93 -31.56
N CYS C 147 -1.63 -21.98 -30.32
CA CYS C 147 -2.92 -22.56 -29.94
C CYS C 147 -3.74 -21.50 -29.24
N LEU C 148 -5.05 -21.59 -29.38
CA LEU C 148 -5.97 -20.63 -28.78
C LEU C 148 -7.01 -21.38 -27.97
N VAL C 149 -7.29 -20.86 -26.78
CA VAL C 149 -8.29 -21.39 -25.87
C VAL C 149 -9.56 -20.56 -25.94
N LYS C 150 -10.71 -21.23 -25.91
CA LYS C 150 -12.00 -20.57 -25.87
C LYS C 150 -12.38 -20.35 -24.42
N ASP C 151 -13.07 -19.24 -24.16
CA ASP C 151 -13.25 -18.76 -22.80
C ASP C 151 -13.72 -19.84 -21.82
N TYR C 152 -13.17 -19.76 -20.62
CA TYR C 152 -13.41 -20.69 -19.51
C TYR C 152 -13.34 -19.88 -18.23
N PHE C 153 -14.11 -20.27 -17.23
CA PHE C 153 -14.14 -19.46 -16.02
C PHE C 153 -13.04 -19.73 -14.99
N PRO C 154 -12.77 -20.99 -14.62
CA PRO C 154 -11.85 -21.22 -13.49
C PRO C 154 -10.49 -20.57 -13.72
N GLU C 155 -9.90 -20.11 -12.63
CA GLU C 155 -8.61 -19.43 -12.59
C GLU C 155 -7.42 -20.29 -12.96
N PRO C 156 -7.36 -21.56 -12.53
CA PRO C 156 -6.16 -22.36 -12.83
C PRO C 156 -6.17 -22.96 -14.23
N VAL C 157 -5.02 -22.84 -14.91
CA VAL C 157 -4.83 -23.42 -16.23
C VAL C 157 -3.32 -23.64 -16.40
N THR C 158 -2.97 -24.62 -17.23
CA THR C 158 -1.58 -24.85 -17.59
C THR C 158 -1.51 -25.41 -19.00
N VAL C 159 -0.65 -24.84 -19.82
CA VAL C 159 -0.49 -25.24 -21.22
C VAL C 159 0.78 -26.06 -21.35
N SER C 160 0.70 -27.18 -22.05
CA SER C 160 1.83 -28.07 -22.28
C SER C 160 2.09 -28.22 -23.76
N TRP C 161 3.36 -28.47 -24.10
CA TRP C 161 3.83 -28.55 -25.47
C TRP C 161 4.90 -29.61 -25.58
N ASN C 162 5.10 -30.10 -26.80
CA ASN C 162 6.24 -30.96 -27.07
C ASN C 162 7.53 -30.28 -26.60
N SER C 163 7.59 -28.96 -26.79
CA SER C 163 8.67 -28.10 -26.33
C SER C 163 8.69 -27.93 -24.82
N GLY C 164 7.76 -28.55 -24.08
CA GLY C 164 7.75 -28.40 -22.64
C GLY C 164 9.02 -28.91 -22.00
N ALA C 165 9.75 -29.80 -22.68
CA ALA C 165 11.03 -30.28 -22.17
C ALA C 165 12.09 -29.20 -22.27
N LEU C 166 11.91 -28.23 -23.17
CA LEU C 166 12.84 -27.13 -23.33
C LEU C 166 12.02 -25.99 -23.95
N THR C 167 11.46 -25.14 -23.08
CA THR C 167 10.55 -24.07 -23.45
C THR C 167 11.22 -22.90 -24.15
N SER C 168 12.31 -23.13 -24.85
CA SER C 168 12.99 -22.06 -25.56
C SER C 168 12.06 -21.48 -26.62
N GLY C 169 11.83 -20.17 -26.55
CA GLY C 169 10.95 -19.51 -27.49
C GLY C 169 9.48 -19.80 -27.31
N VAL C 170 9.08 -20.34 -26.16
CA VAL C 170 7.68 -20.64 -25.87
C VAL C 170 7.14 -19.58 -24.93
N HIS C 171 5.93 -19.10 -25.21
CA HIS C 171 5.24 -18.15 -24.36
C HIS C 171 3.82 -18.61 -24.05
N THR C 172 3.38 -18.33 -22.83
CA THR C 172 2.04 -18.62 -22.34
C THR C 172 1.57 -17.30 -21.75
N PHE C 173 0.85 -16.53 -22.55
CA PHE C 173 0.44 -15.19 -22.15
C PHE C 173 -0.57 -15.22 -21.01
N PRO C 174 -0.57 -14.19 -20.16
CA PRO C 174 -1.59 -14.09 -19.11
C PRO C 174 -2.99 -14.14 -19.70
N ALA C 175 -3.84 -14.97 -19.09
CA ALA C 175 -5.20 -15.10 -19.56
C ALA C 175 -5.96 -13.77 -19.39
N VAL C 176 -7.02 -13.62 -20.17
CA VAL C 176 -7.85 -12.42 -20.16
C VAL C 176 -9.30 -12.87 -20.20
N LEU C 177 -10.19 -12.03 -19.68
CA LEU C 177 -11.61 -12.34 -19.61
C LEU C 177 -12.36 -11.60 -20.70
N GLN C 178 -13.21 -12.34 -21.42
CA GLN C 178 -14.11 -11.78 -22.41
C GLN C 178 -15.28 -11.09 -21.71
N SER C 179 -16.04 -10.31 -22.47
CA SER C 179 -17.22 -9.68 -21.89
C SER C 179 -18.19 -10.73 -21.37
N SER C 180 -18.03 -11.98 -21.80
CA SER C 180 -18.81 -13.09 -21.28
C SER C 180 -18.52 -13.32 -19.79
N GLY C 181 -17.38 -12.84 -19.30
CA GLY C 181 -16.98 -13.06 -17.93
C GLY C 181 -16.16 -14.31 -17.69
N LEU C 182 -15.69 -14.97 -18.76
CA LEU C 182 -14.89 -16.17 -18.65
C LEU C 182 -13.49 -15.89 -19.19
N TYR C 183 -12.49 -16.53 -18.58
CA TYR C 183 -11.11 -16.35 -18.97
C TYR C 183 -10.78 -17.11 -20.25
N SER C 184 -9.76 -16.61 -20.94
CA SER C 184 -9.21 -17.24 -22.13
C SER C 184 -7.72 -16.93 -22.19
N LEU C 185 -6.98 -17.72 -22.96
CA LEU C 185 -5.54 -17.52 -23.06
C LEU C 185 -5.02 -18.03 -24.40
N SER C 186 -3.87 -17.48 -24.80
CA SER C 186 -3.15 -17.89 -25.99
C SER C 186 -1.73 -18.29 -25.62
N SER C 187 -1.20 -19.29 -26.33
CA SER C 187 0.18 -19.72 -26.18
C SER C 187 0.78 -19.96 -27.56
N VAL C 188 2.05 -19.58 -27.74
CA VAL C 188 2.71 -19.70 -29.03
C VAL C 188 4.17 -20.10 -28.84
N VAL C 189 4.72 -20.75 -29.86
CA VAL C 189 6.12 -21.13 -29.92
C VAL C 189 6.69 -20.71 -31.27
N THR C 190 7.95 -20.29 -31.28
CA THR C 190 8.64 -19.92 -32.52
C THR C 190 9.51 -21.08 -32.97
N VAL C 191 9.45 -21.40 -34.25
CA VAL C 191 10.07 -22.61 -34.79
C VAL C 191 10.61 -22.35 -36.19
N PRO C 192 11.57 -23.14 -36.67
CA PRO C 192 12.11 -22.95 -38.02
C PRO C 192 11.30 -23.69 -39.06
N SER C 193 11.28 -23.11 -40.27
CA SER C 193 10.48 -23.68 -41.35
C SER C 193 10.83 -25.14 -41.59
N SER C 194 12.09 -25.53 -41.38
CA SER C 194 12.45 -26.94 -41.53
C SER C 194 11.67 -27.82 -40.56
N SER C 195 11.36 -27.29 -39.37
CA SER C 195 10.59 -28.05 -38.40
C SER C 195 9.13 -28.19 -38.80
N LEU C 196 8.58 -27.20 -39.52
CA LEU C 196 7.19 -27.27 -39.92
C LEU C 196 6.90 -28.48 -40.81
N GLY C 197 7.87 -28.89 -41.62
CA GLY C 197 7.75 -30.05 -42.46
C GLY C 197 8.29 -31.34 -41.89
N THR C 198 8.85 -31.31 -40.67
CA THR C 198 9.49 -32.51 -40.12
C THR C 198 9.16 -32.80 -38.66
N GLN C 199 8.53 -31.90 -37.91
CA GLN C 199 8.22 -32.14 -36.51
C GLN C 199 6.76 -31.81 -36.21
N THR C 200 6.09 -32.73 -35.53
CA THR C 200 4.71 -32.51 -35.07
C THR C 200 4.71 -31.64 -33.82
N TYR C 201 3.89 -30.59 -33.85
CA TYR C 201 3.67 -29.72 -32.70
C TYR C 201 2.23 -29.85 -32.23
N ILE C 202 2.04 -30.33 -31.01
CA ILE C 202 0.72 -30.52 -30.43
C ILE C 202 0.70 -29.90 -29.04
N CYS C 203 -0.38 -29.20 -28.74
CA CYS C 203 -0.58 -28.55 -27.44
C CYS C 203 -1.67 -29.27 -26.65
N ASN C 204 -1.42 -29.42 -25.35
CA ASN C 204 -2.36 -30.05 -24.43
C ASN C 204 -2.51 -29.13 -23.23
N VAL C 205 -3.76 -28.90 -22.81
CA VAL C 205 -4.09 -27.96 -21.75
C VAL C 205 -4.62 -28.71 -20.53
N ASN C 206 -4.14 -28.31 -19.36
CA ASN C 206 -4.52 -28.91 -18.09
C ASN C 206 -5.44 -27.95 -17.36
N HIS C 207 -6.54 -28.48 -16.82
CA HIS C 207 -7.53 -27.66 -16.13
C HIS C 207 -7.96 -28.41 -14.86
N LYS C 208 -7.47 -27.96 -13.72
CA LYS C 208 -7.69 -28.67 -12.45
C LYS C 208 -9.15 -28.98 -12.15
N PRO C 209 -10.12 -28.11 -12.41
CA PRO C 209 -11.52 -28.47 -12.15
C PRO C 209 -12.03 -29.60 -13.04
N SER C 210 -11.27 -30.00 -14.06
CA SER C 210 -11.68 -31.10 -14.94
C SER C 210 -10.40 -31.79 -15.42
N ASN C 211 -10.07 -32.91 -14.77
CA ASN C 211 -8.85 -33.63 -15.08
C ASN C 211 -8.80 -34.12 -16.52
N THR C 212 -9.93 -34.15 -17.22
CA THR C 212 -9.93 -34.51 -18.63
C THR C 212 -9.27 -33.40 -19.43
N LYS C 213 -8.12 -33.72 -20.02
CA LYS C 213 -7.34 -32.75 -20.79
C LYS C 213 -7.95 -32.51 -22.16
N VAL C 214 -7.50 -31.43 -22.80
CA VAL C 214 -7.85 -31.08 -24.17
C VAL C 214 -6.54 -30.83 -24.91
N ASP C 215 -6.46 -31.31 -26.14
CA ASP C 215 -5.25 -31.12 -26.93
C ASP C 215 -5.59 -30.95 -28.40
N LYS C 216 -4.70 -30.25 -29.12
CA LYS C 216 -4.88 -29.98 -30.53
C LYS C 216 -3.53 -29.86 -31.20
N LYS C 217 -3.44 -30.35 -32.43
CA LYS C 217 -2.22 -30.32 -33.23
C LYS C 217 -2.25 -29.16 -34.21
N VAL C 218 -1.10 -28.51 -34.39
CA VAL C 218 -0.93 -27.42 -35.34
C VAL C 218 -0.16 -27.95 -36.54
N GLU C 219 -0.67 -27.67 -37.74
CA GLU C 219 -0.09 -28.13 -38.99
C GLU C 219 -0.16 -26.98 -39.99
N PRO C 220 0.82 -26.88 -40.89
CA PRO C 220 0.88 -25.71 -41.77
C PRO C 220 -0.20 -25.66 -42.83
N LYS C 221 -1.18 -24.78 -42.62
CA LYS C 221 -2.24 -24.56 -43.58
C LYS C 221 -1.70 -23.97 -44.87
N SER C 222 -2.40 -24.21 -45.97
CA SER C 222 -2.04 -23.63 -47.25
C SER C 222 -2.42 -22.16 -47.35
N CYS C 223 -3.25 -21.67 -46.43
CA CYS C 223 -3.69 -20.28 -46.43
C CYS C 223 -2.55 -19.35 -46.08
C1 NAG D . 16.41 7.44 21.82
C2 NAG D . 17.73 7.92 22.43
C3 NAG D . 18.54 8.71 21.39
C4 NAG D . 18.70 7.89 20.12
C5 NAG D . 17.34 7.46 19.60
C6 NAG D . 17.43 6.56 18.38
C7 NAG D . 18.49 9.25 24.34
C8 NAG D . 18.08 10.09 25.52
N2 NAG D . 17.50 8.73 23.61
O3 NAG D . 19.81 9.02 21.92
O4 NAG D . 19.35 8.69 19.12
O5 NAG D . 16.66 6.72 20.61
O6 NAG D . 18.21 5.40 18.66
O7 NAG D . 19.67 9.07 24.07
C1 NAG D . 20.48 7.99 18.56
C2 NAG D . 20.79 8.60 17.18
C3 NAG D . 22.09 8.03 16.62
C4 NAG D . 23.23 8.14 17.62
C5 NAG D . 22.84 7.48 18.93
C6 NAG D . 23.88 7.63 20.00
C7 NAG D . 18.87 9.34 15.85
C8 NAG D . 17.79 8.93 14.90
N2 NAG D . 19.69 8.37 16.26
O3 NAG D . 22.43 8.74 15.42
O4 NAG D . 24.39 7.50 17.10
O5 NAG D . 21.63 8.08 19.42
O6 NAG D . 24.10 9.01 20.32
O7 NAG D . 18.98 10.50 16.24
#